data_7KZC
#
_entry.id   7KZC
#
_cell.length_a   68.311
_cell.length_b   68.311
_cell.length_c   188.025
_cell.angle_alpha   90.000
_cell.angle_beta   90.000
_cell.angle_gamma   90.000
#
_symmetry.space_group_name_H-M   'P 41'
#
loop_
_entity.id
_entity.type
_entity.pdbx_description
1 polymer 'Fab heavy chain of m396-B10 antibody'
2 polymer 'Fab light chain of m396-B10 antibody'
3 non-polymer 'CHLORIDE ION'
4 water water
#
loop_
_entity_poly.entity_id
_entity_poly.type
_entity_poly.pdbx_seq_one_letter_code
_entity_poly.pdbx_strand_id
1 'polypeptide(L)'
;QVQLQQSGAEVKKPGSSVKVSCKASGGTFSTYSISWVRQAPGQGLEWMGGIAPSHGFANYAQKFQGRVTITTDESTSTAY
MELSSLRSEDTAVYYCARDTATGGMDVWGQGTTVTVSSASTKGPSVFPLAPSSKSTSGGTAALGCLVKDYFPEPVTVSWN
SGALTSGVHTFPAVLQSSGLYSLSSVVTVPSSSLGTQTYICNVNHKPSNTKVDKKVEPKSC
;
H,C
2 'polypeptide(L)'
;SYELTQPPSVSVAPGKTARITCGGNNIGSKSVHWYQQKPGQAPVLVVYDDSDRPSGIPERFSGSNSGNTATLTISRVEAG
DEADYYCQVWDTYSDYVFGTGTKVTVLRTVAAPSVFIFPPSDEQLKSGTASVVCLLNNFYPREAKVQWKVDNALQSGNSQ
ESVTEQDSKDSTYSLSSTLTLSKADYEKHKVYACEVTHQGLSSPVTKSFNRGECS
;
L,D
#
loop_
_chem_comp.id
_chem_comp.type
_chem_comp.name
_chem_comp.formula
CL non-polymer 'CHLORIDE ION' 'Cl -1'
#
# COMPACT_ATOMS: atom_id res chain seq x y z
N GLN A 1 -5.47 -17.02 4.30
CA GLN A 1 -4.82 -15.67 4.43
C GLN A 1 -5.67 -14.80 5.39
N VAL A 2 -5.77 -15.21 6.66
CA VAL A 2 -6.55 -14.49 7.72
C VAL A 2 -5.88 -13.12 7.94
N GLN A 3 -6.70 -12.07 8.04
CA GLN A 3 -6.29 -10.70 8.42
C GLN A 3 -7.27 -10.18 9.48
N LEU A 4 -6.77 -9.41 10.46
CA LEU A 4 -7.57 -8.78 11.54
C LEU A 4 -7.64 -7.27 11.33
N GLN A 5 -8.87 -6.75 11.18
CA GLN A 5 -9.19 -5.32 10.93
C GLN A 5 -9.76 -4.73 12.22
N GLN A 6 -9.09 -3.74 12.78
CA GLN A 6 -9.44 -3.08 14.05
C GLN A 6 -10.29 -1.82 13.78
N SER A 7 -11.04 -1.36 14.78
CA SER A 7 -11.89 -0.14 14.72
C SER A 7 -10.98 1.08 14.84
N GLY A 8 -11.48 2.24 14.42
CA GLY A 8 -10.76 3.53 14.29
C GLY A 8 -10.21 4.08 15.59
N ALA A 9 -9.28 5.03 15.47
CA ALA A 9 -8.66 5.80 16.56
C ALA A 9 -9.75 6.50 17.34
N GLU A 10 -9.51 6.77 18.64
CA GLU A 10 -10.51 7.42 19.53
C GLU A 10 -9.83 8.28 20.57
N VAL A 11 -10.38 9.47 20.79
CA VAL A 11 -10.05 10.39 21.92
C VAL A 11 -11.16 10.25 22.96
N LYS A 12 -10.75 9.98 24.20
CA LYS A 12 -11.65 9.58 25.30
C LYS A 12 -11.38 10.47 26.53
N LYS A 13 -12.44 10.92 27.18
CA LYS A 13 -12.34 11.75 28.41
C LYS A 13 -11.94 10.82 29.54
N PRO A 14 -11.17 11.31 30.53
CA PRO A 14 -10.95 10.55 31.75
C PRO A 14 -12.31 10.23 32.40
N GLY A 15 -12.46 8.99 32.89
CA GLY A 15 -13.69 8.47 33.51
C GLY A 15 -14.49 7.60 32.56
N SER A 16 -14.46 7.89 31.25
CA SER A 16 -15.24 7.20 30.19
C SER A 16 -14.73 5.76 29.96
N SER A 17 -15.29 5.06 28.97
CA SER A 17 -14.94 3.66 28.62
C SER A 17 -14.84 3.51 27.08
N VAL A 18 -13.90 2.70 26.58
CA VAL A 18 -13.73 2.55 25.10
C VAL A 18 -13.97 1.09 24.72
N LYS A 19 -14.75 0.89 23.65
CA LYS A 19 -15.01 -0.42 23.00
C LYS A 19 -14.15 -0.51 21.72
N VAL A 20 -13.14 -1.36 21.69
CA VAL A 20 -12.32 -1.64 20.46
C VAL A 20 -12.82 -2.95 19.85
N SER A 21 -13.00 -2.99 18.52
CA SER A 21 -13.41 -4.18 17.73
C SER A 21 -12.26 -4.71 16.85
N CYS A 22 -12.34 -6.00 16.49
CA CYS A 22 -11.34 -6.81 15.75
C CYS A 22 -12.07 -7.86 14.90
N LYS A 23 -12.27 -7.58 13.60
CA LYS A 23 -13.01 -8.45 12.63
C LYS A 23 -12.01 -9.29 11.84
N ALA A 24 -12.19 -10.62 11.82
CA ALA A 24 -11.31 -11.56 11.07
C ALA A 24 -11.88 -11.75 9.66
N SER A 25 -11.06 -12.29 8.75
CA SER A 25 -11.42 -12.82 7.40
C SER A 25 -11.07 -14.32 7.36
N THR A 28 -11.87 -19.26 9.00
CA THR A 28 -12.86 -19.80 9.99
C THR A 28 -12.35 -19.50 11.42
N PHE A 29 -12.70 -18.31 11.97
CA PHE A 29 -12.20 -17.80 13.28
C PHE A 29 -12.81 -18.53 14.47
N SER A 30 -13.68 -19.55 14.27
CA SER A 30 -14.26 -20.40 15.34
C SER A 30 -13.26 -21.46 15.87
N THR A 31 -12.04 -21.53 15.32
CA THR A 31 -10.99 -22.52 15.71
C THR A 31 -9.86 -21.89 16.56
N TYR A 32 -9.63 -20.57 16.47
CA TYR A 32 -8.48 -19.87 17.10
C TYR A 32 -8.96 -19.01 18.26
N SER A 33 -8.06 -18.64 19.16
CA SER A 33 -8.28 -17.67 20.26
C SER A 33 -7.70 -16.30 19.88
N ILE A 34 -8.38 -15.21 20.27
CA ILE A 34 -7.88 -13.82 20.09
C ILE A 34 -7.45 -13.23 21.45
N SER A 35 -6.21 -12.73 21.51
CA SER A 35 -5.62 -12.00 22.66
C SER A 35 -5.56 -10.52 22.30
N TRP A 36 -5.77 -9.64 23.28
CA TRP A 36 -5.56 -8.17 23.20
C TRP A 36 -4.23 -7.80 23.86
N VAL A 37 -3.36 -7.07 23.17
CA VAL A 37 -2.04 -6.60 23.69
C VAL A 37 -1.96 -5.08 23.55
N ARG A 38 -1.51 -4.35 24.57
CA ARG A 38 -1.39 -2.86 24.55
C ARG A 38 0.07 -2.42 24.63
N GLN A 39 0.34 -1.23 24.10
CA GLN A 39 1.66 -0.55 24.08
C GLN A 39 1.41 0.95 24.27
N ALA A 40 1.59 1.46 25.50
CA ALA A 40 1.77 2.90 25.80
C ALA A 40 2.93 3.47 24.97
N PRO A 41 2.94 4.78 24.64
CA PRO A 41 3.93 5.33 23.73
C PRO A 41 5.34 5.24 24.33
N GLY A 42 6.29 4.60 23.64
CA GLY A 42 7.70 4.41 24.06
C GLY A 42 7.90 3.23 25.02
N GLN A 43 6.87 2.41 25.23
CA GLN A 43 6.87 1.38 26.32
C GLN A 43 6.82 -0.02 25.70
N GLY A 44 6.88 -1.06 26.53
CA GLY A 44 6.86 -2.45 26.08
C GLY A 44 5.46 -2.91 25.68
N LEU A 45 5.38 -4.07 25.02
CA LEU A 45 4.13 -4.85 24.80
C LEU A 45 3.64 -5.42 26.13
N GLU A 46 2.33 -5.41 26.38
CA GLU A 46 1.71 -5.89 27.65
C GLU A 46 0.41 -6.66 27.35
N TRP A 47 0.35 -7.95 27.72
CA TRP A 47 -0.87 -8.78 27.52
C TRP A 47 -2.02 -8.24 28.39
N MET A 48 -3.23 -8.18 27.84
CA MET A 48 -4.44 -7.75 28.60
C MET A 48 -5.31 -8.97 28.91
N GLY A 49 -5.71 -9.75 27.90
CA GLY A 49 -6.72 -10.83 28.01
C GLY A 49 -7.06 -11.53 26.68
N GLY A 50 -7.90 -12.55 26.74
CA GLY A 50 -8.26 -13.44 25.61
C GLY A 50 -9.47 -14.30 25.96
N ILE A 51 -10.24 -14.76 24.97
CA ILE A 51 -11.47 -15.58 25.14
C ILE A 51 -11.47 -16.70 24.09
N ASN A 59 -10.30 -14.94 30.23
CA ASN A 59 -8.95 -14.92 30.86
C ASN A 59 -8.39 -13.48 30.84
N TYR A 60 -8.14 -12.90 32.02
CA TYR A 60 -7.70 -11.49 32.25
C TYR A 60 -6.42 -11.47 33.10
N ALA A 61 -5.46 -10.61 32.76
CA ALA A 61 -4.31 -10.25 33.60
C ALA A 61 -4.82 -9.44 34.81
N GLN A 62 -4.47 -9.84 36.03
CA GLN A 62 -5.08 -9.33 37.30
C GLN A 62 -4.82 -7.80 37.44
N LYS A 63 -3.79 -7.26 36.76
CA LYS A 63 -3.57 -5.80 36.57
C LYS A 63 -4.83 -5.12 36.01
N PHE A 64 -5.67 -5.86 35.27
CA PHE A 64 -6.87 -5.31 34.59
C PHE A 64 -8.16 -6.08 34.92
N GLN A 65 -8.11 -7.21 35.66
CA GLN A 65 -9.35 -7.90 36.13
C GLN A 65 -10.29 -6.81 36.67
N GLY A 66 -11.55 -6.84 36.25
CA GLY A 66 -12.52 -5.75 36.51
C GLY A 66 -12.65 -4.82 35.31
N ARG A 67 -11.68 -3.91 35.12
CA ARG A 67 -11.76 -2.77 34.14
C ARG A 67 -11.95 -3.30 32.71
N VAL A 68 -11.49 -4.52 32.43
CA VAL A 68 -11.52 -5.15 31.06
C VAL A 68 -12.72 -6.08 30.90
N THR A 69 -13.37 -5.99 29.74
CA THR A 69 -14.41 -6.93 29.26
C THR A 69 -14.00 -7.35 27.85
N ILE A 70 -13.80 -8.66 27.64
CA ILE A 70 -13.36 -9.25 26.34
C ILE A 70 -14.41 -10.27 25.94
N THR A 71 -14.95 -10.12 24.72
CA THR A 71 -16.05 -10.95 24.17
C THR A 71 -15.74 -11.27 22.71
N THR A 72 -16.48 -12.22 22.15
CA THR A 72 -16.39 -12.65 20.74
C THR A 72 -17.81 -12.89 20.23
N ASP A 73 -18.01 -12.61 18.95
CA ASP A 73 -19.22 -12.93 18.18
C ASP A 73 -18.78 -13.79 17.00
N GLU A 74 -18.98 -15.12 17.11
CA GLU A 74 -18.62 -16.12 16.07
C GLU A 74 -19.41 -15.79 14.81
N SER A 75 -20.68 -15.41 14.98
CA SER A 75 -21.64 -15.03 13.91
C SER A 75 -20.96 -14.07 12.91
N THR A 76 -20.21 -13.08 13.39
CA THR A 76 -19.58 -12.04 12.54
C THR A 76 -18.05 -12.15 12.63
N SER A 77 -17.55 -13.26 13.18
CA SER A 77 -16.14 -13.47 13.58
C SER A 77 -15.50 -12.13 13.98
N THR A 78 -16.02 -11.52 15.05
CA THR A 78 -15.53 -10.24 15.63
C THR A 78 -15.24 -10.44 17.11
N ALA A 79 -14.08 -9.96 17.56
CA ALA A 79 -13.65 -9.90 18.97
C ALA A 79 -13.76 -8.46 19.50
N TYR A 80 -14.18 -8.30 20.75
CA TYR A 80 -14.39 -6.97 21.39
C TYR A 80 -13.55 -6.84 22.67
N MET A 81 -13.08 -5.61 22.93
CA MET A 81 -12.36 -5.25 24.17
C MET A 81 -12.88 -3.90 24.67
N GLU A 82 -13.50 -3.90 25.85
CA GLU A 82 -13.99 -2.72 26.56
C GLU A 82 -13.08 -2.49 27.77
N LEU A 83 -12.49 -1.30 27.84
CA LEU A 83 -11.68 -0.83 28.99
C LEU A 83 -12.41 0.36 29.61
N SER A 84 -12.76 0.26 30.90
CA SER A 84 -13.63 1.23 31.64
C SER A 84 -12.78 2.11 32.57
N SER A 85 -13.38 3.19 33.10
CA SER A 85 -12.76 4.20 34.01
C SER A 85 -11.31 4.52 33.57
N LEU A 86 -11.19 5.01 32.34
CA LEU A 86 -9.90 5.34 31.66
C LEU A 86 -9.17 6.46 32.42
N ARG A 87 -7.83 6.34 32.49
CA ARG A 87 -6.85 7.33 33.00
C ARG A 87 -5.90 7.70 31.83
N SER A 88 -5.03 8.70 31.98
CA SER A 88 -3.96 9.05 30.99
C SER A 88 -3.12 7.83 30.67
N GLU A 89 -2.87 7.03 31.69
CA GLU A 89 -1.90 5.93 31.68
C GLU A 89 -2.42 4.86 30.72
N ASP A 90 -3.72 4.89 30.43
CA ASP A 90 -4.36 3.99 29.43
C ASP A 90 -4.08 4.44 28.00
N THR A 91 -3.56 5.64 27.78
CA THR A 91 -3.19 6.14 26.45
C THR A 91 -2.24 5.10 25.85
N ALA A 92 -2.59 4.54 24.70
CA ALA A 92 -1.85 3.40 24.11
C ALA A 92 -2.43 3.07 22.74
N VAL A 93 -1.66 2.31 21.97
CA VAL A 93 -2.12 1.48 20.83
C VAL A 93 -2.59 0.13 21.40
N TYR A 94 -3.79 -0.30 21.00
CA TYR A 94 -4.47 -1.55 21.39
C TYR A 94 -4.50 -2.51 20.18
N TYR A 95 -3.76 -3.61 20.27
CA TYR A 95 -3.64 -4.61 19.20
C TYR A 95 -4.49 -5.82 19.55
N CYS A 96 -5.01 -6.47 18.51
CA CYS A 96 -5.58 -7.84 18.61
C CYS A 96 -4.65 -8.76 17.84
N ALA A 97 -4.53 -9.99 18.30
CA ALA A 97 -3.68 -11.01 17.67
C ALA A 97 -4.37 -12.35 17.83
N ARG A 98 -4.13 -13.25 16.87
CA ARG A 98 -4.48 -14.68 16.94
C ARG A 98 -3.33 -15.45 17.64
N ASP A 99 -3.68 -16.26 18.64
CA ASP A 99 -2.84 -17.22 19.42
C ASP A 99 -2.54 -18.49 18.60
N THR A 100 -1.35 -19.11 18.77
CA THR A 100 -0.87 -20.33 18.03
C THR A 100 -0.97 -21.61 18.88
N GLY A 104 2.28 -18.46 21.31
CA GLY A 104 2.61 -17.57 20.17
C GLY A 104 1.41 -16.78 19.63
N MET A 105 1.66 -15.67 18.96
CA MET A 105 0.64 -14.85 18.26
C MET A 105 1.11 -14.59 16.82
N ASP A 106 0.41 -15.11 15.79
CA ASP A 106 0.96 -15.11 14.40
C ASP A 106 0.34 -13.95 13.59
N VAL A 107 -0.98 -13.75 13.62
CA VAL A 107 -1.64 -12.67 12.84
C VAL A 107 -1.94 -11.53 13.82
N TRP A 108 -1.52 -10.32 13.48
CA TRP A 108 -1.71 -9.09 14.30
C TRP A 108 -2.59 -8.09 13.54
N GLY A 109 -3.56 -7.49 14.22
CA GLY A 109 -4.17 -6.24 13.72
C GLY A 109 -3.13 -5.14 13.63
N GLN A 110 -3.46 -4.06 12.95
CA GLN A 110 -2.58 -2.88 12.72
C GLN A 110 -2.58 -1.99 13.95
N GLY A 111 -3.61 -2.06 14.81
CA GLY A 111 -3.64 -1.36 16.11
C GLY A 111 -4.62 -0.19 16.13
N THR A 112 -5.25 0.03 17.28
CA THR A 112 -6.18 1.13 17.57
C THR A 112 -5.49 2.10 18.53
N THR A 113 -5.27 3.35 18.08
CA THR A 113 -4.80 4.45 18.96
C THR A 113 -5.98 4.85 19.85
N VAL A 114 -5.79 4.76 21.16
CA VAL A 114 -6.69 5.38 22.17
C VAL A 114 -5.88 6.45 22.91
N THR A 115 -6.40 7.68 22.87
CA THR A 115 -5.79 8.83 23.53
C THR A 115 -6.76 9.26 24.63
N VAL A 116 -6.33 9.14 25.89
CA VAL A 116 -7.16 9.54 27.05
C VAL A 116 -6.68 10.93 27.47
N SER A 117 -7.55 11.93 27.35
CA SER A 117 -7.25 13.38 27.56
C SER A 117 -8.57 14.15 27.72
N SER A 118 -8.49 15.29 28.41
CA SER A 118 -9.57 16.29 28.58
C SER A 118 -9.46 17.35 27.49
N ALA A 119 -8.36 17.33 26.72
CA ALA A 119 -8.02 18.44 25.81
C ALA A 119 -9.05 18.47 24.69
N SER A 120 -9.33 19.65 24.13
CA SER A 120 -10.14 19.79 22.90
C SER A 120 -9.24 19.89 21.67
N THR A 121 -9.75 19.44 20.53
CA THR A 121 -9.16 19.62 19.18
C THR A 121 -8.63 21.06 19.06
N LYS A 122 -7.36 21.21 18.67
CA LYS A 122 -6.73 22.54 18.46
C LYS A 122 -5.62 22.39 17.42
N GLY A 123 -5.63 23.28 16.43
CA GLY A 123 -4.57 23.41 15.44
C GLY A 123 -3.36 24.08 16.06
N PRO A 124 -2.14 23.82 15.55
CA PRO A 124 -0.93 24.42 16.09
C PRO A 124 -0.72 25.86 15.62
N SER A 125 0.12 26.59 16.34
CA SER A 125 0.84 27.78 15.84
C SER A 125 2.16 27.29 15.25
N VAL A 126 2.63 27.91 14.18
CA VAL A 126 3.91 27.52 13.53
C VAL A 126 4.85 28.71 13.66
N PHE A 127 5.89 28.55 14.45
CA PHE A 127 6.92 29.58 14.68
C PHE A 127 8.20 29.24 13.91
N PRO A 128 8.88 30.23 13.30
CA PRO A 128 10.14 29.96 12.66
C PRO A 128 11.24 29.72 13.71
N LEU A 129 12.19 28.84 13.40
CA LEU A 129 13.51 28.74 14.08
C LEU A 129 14.54 29.28 13.08
N ALA A 130 14.74 30.61 13.09
CA ALA A 130 15.47 31.37 12.05
C ALA A 130 16.95 31.03 12.10
N PRO A 131 17.60 30.87 10.92
CA PRO A 131 19.02 30.53 10.87
C PRO A 131 19.85 31.62 11.54
N SER A 132 20.75 31.18 12.43
CA SER A 132 21.72 32.05 13.14
C SER A 132 22.40 33.01 12.14
N SER A 133 22.47 34.30 12.52
CA SER A 133 23.17 35.41 11.82
C SER A 133 24.69 35.20 11.78
N LYS A 134 25.25 34.30 12.62
CA LYS A 134 26.72 34.14 12.85
C LYS A 134 27.15 32.68 12.59
N GLY A 138 31.46 29.97 5.48
CA GLY A 138 30.97 28.83 4.68
C GLY A 138 30.27 27.80 5.55
N GLY A 139 30.55 26.51 5.33
CA GLY A 139 29.93 25.41 6.10
C GLY A 139 28.41 25.50 6.06
N THR A 140 27.74 25.03 7.11
CA THR A 140 26.29 24.69 7.09
C THR A 140 25.57 25.41 8.23
N ALA A 141 24.37 25.92 7.95
CA ALA A 141 23.44 26.58 8.90
C ALA A 141 22.29 25.63 9.20
N ALA A 142 21.75 25.65 10.42
CA ALA A 142 20.52 24.93 10.79
C ALA A 142 19.35 25.91 10.86
N LEU A 143 18.16 25.47 10.50
CA LEU A 143 16.92 26.27 10.63
C LEU A 143 15.75 25.30 10.78
N GLY A 144 14.57 25.80 11.20
CA GLY A 144 13.43 24.89 11.37
C GLY A 144 12.10 25.61 11.57
N CYS A 145 11.09 24.84 11.91
CA CYS A 145 9.78 25.30 12.37
C CYS A 145 9.50 24.65 13.72
N LEU A 146 9.00 25.42 14.68
CA LEU A 146 8.36 24.92 15.92
C LEU A 146 6.84 24.87 15.65
N VAL A 147 6.27 23.67 15.69
CA VAL A 147 4.82 23.39 15.49
C VAL A 147 4.21 23.10 16.86
N LYS A 148 3.51 24.09 17.45
CA LYS A 148 3.36 24.17 18.92
C LYS A 148 1.88 24.23 19.32
N ASP A 149 1.54 23.48 20.38
CA ASP A 149 0.23 23.44 21.07
C ASP A 149 -0.86 22.93 20.13
N TYR A 150 -0.78 21.69 19.65
CA TYR A 150 -1.89 21.08 18.88
C TYR A 150 -2.42 19.85 19.61
N PHE A 151 -3.67 19.50 19.32
CA PHE A 151 -4.31 18.24 19.78
C PHE A 151 -5.34 17.82 18.74
N PRO A 152 -5.56 16.52 18.45
CA PRO A 152 -4.69 15.44 18.87
C PRO A 152 -3.58 15.22 17.83
N GLU A 153 -2.76 14.18 18.03
CA GLU A 153 -1.80 13.68 17.00
C GLU A 153 -2.58 13.26 15.75
N PRO A 154 -1.93 13.19 14.57
CA PRO A 154 -0.57 13.66 14.36
C PRO A 154 -0.54 14.99 13.60
N VAL A 155 0.64 15.58 13.41
CA VAL A 155 0.87 16.58 12.34
C VAL A 155 1.91 16.02 11.39
N THR A 156 1.84 16.37 10.11
CA THR A 156 2.90 16.13 9.11
C THR A 156 3.60 17.46 8.82
N VAL A 157 4.91 17.38 8.60
CA VAL A 157 5.76 18.50 8.11
C VAL A 157 6.59 18.01 6.92
N SER A 158 6.70 18.84 5.88
CA SER A 158 7.63 18.68 4.75
C SER A 158 8.34 20.02 4.54
N TRP A 159 9.39 20.02 3.73
CA TRP A 159 10.14 21.25 3.37
C TRP A 159 10.09 21.44 1.86
N ASN A 160 9.70 22.65 1.42
CA ASN A 160 9.70 23.10 0.00
C ASN A 160 8.83 22.11 -0.81
N SER A 161 7.64 21.84 -0.29
CA SER A 161 6.62 20.92 -0.88
C SER A 161 7.28 19.61 -1.33
N GLY A 162 8.14 19.03 -0.51
CA GLY A 162 8.75 17.71 -0.75
C GLY A 162 10.03 17.76 -1.56
N ALA A 163 10.43 18.91 -2.12
CA ALA A 163 11.69 19.05 -2.90
C ALA A 163 12.92 18.89 -2.00
N LEU A 164 12.82 19.29 -0.73
CA LEU A 164 13.96 19.34 0.23
C LEU A 164 13.76 18.23 1.26
N THR A 165 14.54 17.15 1.15
CA THR A 165 14.50 15.98 2.08
C THR A 165 15.87 15.79 2.76
N SER A 166 16.95 16.18 2.07
CA SER A 166 18.35 15.95 2.54
C SER A 166 18.60 16.79 3.79
N GLY A 167 18.96 16.12 4.89
CA GLY A 167 19.35 16.76 6.14
C GLY A 167 18.15 17.23 6.93
N VAL A 168 16.94 16.80 6.56
CA VAL A 168 15.70 17.10 7.32
C VAL A 168 15.64 16.17 8.55
N HIS A 169 15.35 16.70 9.74
CA HIS A 169 14.90 15.87 10.90
C HIS A 169 13.61 16.47 11.46
N THR A 170 12.53 15.68 11.45
CA THR A 170 11.21 15.97 12.09
C THR A 170 11.15 15.15 13.38
N PHE A 171 11.35 15.79 14.53
CA PHE A 171 11.41 15.08 15.83
C PHE A 171 10.04 14.47 16.15
N PRO A 172 9.99 13.37 16.94
CA PRO A 172 8.73 12.91 17.49
C PRO A 172 8.10 13.96 18.41
N ALA A 173 6.78 14.05 18.34
CA ALA A 173 5.97 15.00 19.13
C ALA A 173 6.22 14.71 20.60
N VAL A 174 5.98 15.71 21.41
CA VAL A 174 6.10 15.65 22.88
C VAL A 174 4.78 16.20 23.42
N LEU A 175 4.19 15.50 24.39
CA LEU A 175 3.02 15.97 25.15
C LEU A 175 3.53 16.90 26.25
N GLN A 176 3.08 18.15 26.26
CA GLN A 176 3.46 19.13 27.30
C GLN A 176 2.53 18.97 28.49
N SER A 177 2.85 19.60 29.64
CA SER A 177 2.05 19.54 30.88
C SER A 177 0.62 20.07 30.65
N SER A 178 0.41 20.85 29.59
CA SER A 178 -0.89 21.52 29.29
C SER A 178 -1.85 20.50 28.67
N GLY A 179 -1.36 19.31 28.33
CA GLY A 179 -2.13 18.30 27.59
C GLY A 179 -2.12 18.53 26.07
N LEU A 180 -1.38 19.51 25.56
CA LEU A 180 -1.18 19.79 24.11
C LEU A 180 0.23 19.32 23.67
N TYR A 181 0.35 18.89 22.41
CA TYR A 181 1.61 18.41 21.76
C TYR A 181 2.35 19.59 21.12
N SER A 182 3.65 19.45 20.94
CA SER A 182 4.41 20.33 20.04
C SER A 182 5.51 19.48 19.44
N LEU A 183 5.96 19.83 18.24
CA LEU A 183 7.18 19.22 17.68
C LEU A 183 7.93 20.26 16.84
N SER A 184 9.24 20.03 16.70
CA SER A 184 10.15 20.79 15.84
C SER A 184 10.49 19.97 14.59
N SER A 185 10.53 20.62 13.42
CA SER A 185 11.20 20.09 12.22
C SER A 185 12.43 20.95 11.97
N VAL A 186 13.58 20.34 11.65
CA VAL A 186 14.83 21.11 11.35
C VAL A 186 15.44 20.62 10.03
N VAL A 187 16.19 21.51 9.37
CA VAL A 187 17.01 21.16 8.18
C VAL A 187 18.37 21.89 8.27
N THR A 188 19.43 21.20 7.85
CA THR A 188 20.79 21.74 7.65
C THR A 188 20.96 22.04 6.16
N VAL A 189 21.46 23.25 5.86
CA VAL A 189 21.57 23.79 4.48
C VAL A 189 22.89 24.53 4.36
N PRO A 190 23.39 24.75 3.13
CA PRO A 190 24.62 25.54 2.97
C PRO A 190 24.37 26.99 3.43
N SER A 191 25.36 27.58 4.10
CA SER A 191 25.27 28.95 4.67
C SER A 191 25.16 30.00 3.57
N SER A 192 25.71 29.74 2.38
CA SER A 192 25.67 30.67 1.22
C SER A 192 24.25 30.72 0.63
N SER A 193 23.44 29.68 0.85
CA SER A 193 22.06 29.62 0.28
C SER A 193 21.08 30.51 1.08
N LEU A 194 21.49 31.04 2.24
CA LEU A 194 20.64 31.91 3.11
C LEU A 194 20.33 33.26 2.42
N GLY A 195 19.05 33.59 2.25
CA GLY A 195 18.62 34.84 1.58
C GLY A 195 18.44 34.70 0.06
N THR A 196 19.13 33.75 -0.59
CA THR A 196 18.90 33.28 -1.99
C THR A 196 17.85 32.16 -2.09
N GLN A 197 17.99 31.07 -1.32
CA GLN A 197 17.02 29.93 -1.30
C GLN A 197 15.88 30.24 -0.32
N THR A 198 14.65 30.17 -0.82
CA THR A 198 13.43 30.19 0.01
C THR A 198 13.29 28.82 0.65
N TYR A 199 13.11 28.84 1.96
CA TYR A 199 12.94 27.67 2.86
C TYR A 199 11.54 27.80 3.48
N ILE A 200 10.67 26.87 3.12
CA ILE A 200 9.23 26.88 3.50
C ILE A 200 8.94 25.54 4.18
N CYS A 201 8.42 25.55 5.42
CA CYS A 201 7.93 24.29 6.03
C CYS A 201 6.43 24.21 5.79
N ASN A 202 5.94 23.03 5.40
CA ASN A 202 4.52 22.76 5.06
C ASN A 202 3.96 21.94 6.22
N VAL A 203 2.99 22.50 6.92
CA VAL A 203 2.43 21.93 8.16
C VAL A 203 0.97 21.59 7.89
N ASN A 204 0.60 20.36 8.21
CA ASN A 204 -0.79 19.88 8.09
C ASN A 204 -1.17 19.29 9.45
N HIS A 205 -2.28 19.75 10.01
CA HIS A 205 -2.95 19.09 11.14
C HIS A 205 -4.40 18.84 10.72
N LYS A 206 -4.70 17.63 10.18
CA LYS A 206 -6.01 17.31 9.55
C LYS A 206 -7.13 17.46 10.58
N PRO A 207 -7.01 16.97 11.85
CA PRO A 207 -8.11 17.08 12.81
C PRO A 207 -8.69 18.49 13.02
N SER A 208 -7.89 19.55 12.82
CA SER A 208 -8.37 20.95 13.01
C SER A 208 -8.53 21.60 11.63
N ASN A 209 -8.27 20.84 10.57
CA ASN A 209 -8.15 21.40 9.19
C ASN A 209 -7.18 22.60 9.19
N THR A 210 -6.03 22.49 9.86
CA THR A 210 -4.99 23.56 9.82
C THR A 210 -3.91 23.16 8.82
N LYS A 211 -3.82 23.88 7.70
CA LYS A 211 -2.69 23.81 6.73
C LYS A 211 -1.94 25.15 6.74
N VAL A 212 -0.61 25.13 6.91
CA VAL A 212 0.27 26.32 6.93
C VAL A 212 1.58 26.07 6.17
N ASP A 213 1.91 26.94 5.20
CA ASP A 213 3.23 27.05 4.53
C ASP A 213 3.92 28.30 5.09
N LYS A 214 4.98 28.12 5.86
CA LYS A 214 5.64 29.16 6.68
C LYS A 214 7.04 29.43 6.14
N LYS A 215 7.29 30.65 5.66
CA LYS A 215 8.63 31.04 5.15
C LYS A 215 9.58 31.28 6.32
N VAL A 216 10.77 30.69 6.30
CA VAL A 216 11.74 30.82 7.42
C VAL A 216 12.95 31.57 6.86
N GLU A 217 13.34 32.63 7.57
CA GLU A 217 14.16 33.75 7.05
C GLU A 217 15.18 34.16 8.10
N PRO A 218 16.43 34.48 7.72
CA PRO A 218 17.36 35.17 8.62
C PRO A 218 16.73 36.41 9.31
N LYS A 219 16.82 36.50 10.65
CA LYS A 219 16.57 37.73 11.45
C LYS A 219 17.63 38.80 11.07
N SER A 220 17.20 40.08 11.06
CA SER A 220 17.95 41.32 10.68
C SER A 220 19.41 41.29 11.14
N SER B 1 3.61 -14.75 39.92
CA SER B 1 3.61 -14.59 38.42
C SER B 1 4.96 -15.04 37.84
N TYR B 2 5.20 -14.73 36.57
CA TYR B 2 6.40 -15.13 35.78
C TYR B 2 6.92 -13.88 35.06
N GLU B 3 8.23 -13.69 35.04
CA GLU B 3 8.89 -12.44 34.53
C GLU B 3 9.86 -12.83 33.42
N LEU B 4 10.01 -11.98 32.41
CA LEU B 4 11.01 -12.16 31.33
C LEU B 4 11.94 -10.95 31.31
N THR B 5 13.24 -11.21 31.30
CA THR B 5 14.31 -10.20 31.36
C THR B 5 15.01 -10.15 30.01
N GLN B 6 15.31 -8.93 29.52
CA GLN B 6 16.13 -8.68 28.32
C GLN B 6 17.00 -7.44 28.54
N PRO B 7 18.21 -7.38 27.91
CA PRO B 7 19.03 -6.17 27.95
C PRO B 7 18.32 -5.09 27.14
N PRO B 8 18.40 -3.80 27.57
CA PRO B 8 17.80 -2.69 26.85
C PRO B 8 18.19 -2.57 25.36
N SER B 9 19.47 -2.80 25.07
CA SER B 9 19.99 -2.55 23.70
C SER B 9 21.22 -3.41 23.41
N VAL B 10 21.38 -3.77 22.15
CA VAL B 10 22.59 -4.47 21.63
C VAL B 10 23.08 -3.66 20.43
N SER B 11 24.39 -3.52 20.35
CA SER B 11 25.15 -2.81 19.29
C SER B 11 25.91 -3.85 18.48
N VAL B 12 25.71 -3.84 17.16
CA VAL B 12 26.45 -4.72 16.22
C VAL B 12 26.86 -3.92 14.98
N ALA B 13 28.07 -4.20 14.47
CA ALA B 13 28.64 -3.70 13.21
C ALA B 13 27.88 -4.31 12.05
N PRO B 14 27.67 -3.60 10.93
CA PRO B 14 26.97 -4.17 9.77
C PRO B 14 27.69 -5.45 9.31
N GLY B 15 26.93 -6.43 8.81
CA GLY B 15 27.44 -7.74 8.35
C GLY B 15 27.70 -8.69 9.52
N LYS B 16 27.78 -8.17 10.75
CA LYS B 16 28.16 -8.97 11.96
C LYS B 16 26.88 -9.49 12.62
N THR B 17 27.02 -10.30 13.66
CA THR B 17 25.90 -11.14 14.18
C THR B 17 25.47 -10.54 15.54
N ALA B 18 24.17 -10.29 15.71
CA ALA B 18 23.55 -9.82 16.98
C ALA B 18 22.99 -11.02 17.77
N ARG B 19 23.25 -11.06 19.07
CA ARG B 19 22.65 -12.06 19.99
C ARG B 19 21.79 -11.32 21.02
N ILE B 20 20.50 -11.65 21.08
CA ILE B 20 19.54 -11.07 22.05
C ILE B 20 19.06 -12.15 23.00
N THR B 21 19.29 -11.96 24.29
CA THR B 21 18.96 -12.97 25.32
C THR B 21 17.65 -12.57 26.00
N CYS B 22 17.02 -13.57 26.58
CA CYS B 22 15.68 -13.55 27.21
C CYS B 22 15.80 -14.44 28.45
N GLY B 23 15.96 -13.84 29.62
CA GLY B 23 16.10 -14.53 30.92
C GLY B 23 14.76 -14.87 31.55
N GLY B 24 14.63 -16.08 32.11
CA GLY B 24 13.43 -16.58 32.82
C GLY B 24 13.71 -17.90 33.50
N ASN B 25 13.06 -18.16 34.64
CA ASN B 25 13.26 -19.41 35.43
C ASN B 25 12.67 -20.61 34.66
N ASN B 26 13.50 -21.61 34.32
CA ASN B 26 13.07 -22.81 33.56
C ASN B 26 12.34 -22.39 32.28
N ILE B 27 12.78 -21.27 31.66
CA ILE B 27 12.31 -20.83 30.33
C ILE B 27 12.66 -21.91 29.29
N GLY B 28 13.69 -22.73 29.54
CA GLY B 28 14.09 -23.91 28.73
C GLY B 28 12.96 -24.90 28.49
N SER B 29 11.97 -24.92 29.38
CA SER B 29 10.78 -25.80 29.36
C SER B 29 9.62 -25.16 28.62
N LYS B 30 9.74 -23.91 28.17
CA LYS B 30 8.62 -23.21 27.50
C LYS B 30 8.96 -23.00 26.02
N SER B 31 7.92 -22.83 25.18
CA SER B 31 8.04 -22.40 23.78
C SER B 31 8.20 -20.88 23.77
N VAL B 32 9.41 -20.42 23.49
CA VAL B 32 9.76 -18.97 23.38
C VAL B 32 9.38 -18.49 21.98
N HIS B 33 8.67 -17.36 21.92
CA HIS B 33 8.34 -16.64 20.67
C HIS B 33 9.07 -15.30 20.69
N TRP B 34 9.46 -14.82 19.50
CA TRP B 34 10.18 -13.56 19.27
C TRP B 34 9.41 -12.68 18.27
N TYR B 35 9.25 -11.40 18.61
CA TYR B 35 8.55 -10.41 17.75
C TYR B 35 9.50 -9.26 17.46
N GLN B 36 9.60 -8.90 16.18
CA GLN B 36 10.28 -7.69 15.65
C GLN B 36 9.22 -6.61 15.49
N GLN B 37 9.51 -5.42 16.00
CA GLN B 37 8.69 -4.19 15.85
C GLN B 37 9.58 -3.06 15.30
N LYS B 38 9.41 -2.72 14.02
CA LYS B 38 9.97 -1.50 13.39
C LYS B 38 9.11 -0.34 13.86
N PRO B 39 9.59 0.93 13.81
CA PRO B 39 8.89 2.03 14.47
C PRO B 39 7.61 2.48 13.72
N GLY B 40 6.49 2.60 14.45
CA GLY B 40 5.14 2.87 13.94
C GLY B 40 4.51 1.70 13.17
N GLN B 41 4.94 0.46 13.40
CA GLN B 41 4.32 -0.75 12.81
C GLN B 41 3.93 -1.71 13.93
N ALA B 42 3.03 -2.67 13.65
CA ALA B 42 2.67 -3.76 14.56
C ALA B 42 3.88 -4.69 14.69
N PRO B 43 4.00 -5.44 15.81
CA PRO B 43 5.01 -6.48 15.94
C PRO B 43 4.80 -7.61 14.92
N VAL B 44 5.90 -8.23 14.48
CA VAL B 44 5.90 -9.34 13.49
C VAL B 44 6.57 -10.55 14.16
N LEU B 45 5.88 -11.69 14.19
CA LEU B 45 6.45 -12.97 14.70
C LEU B 45 7.57 -13.42 13.76
N VAL B 46 8.79 -13.53 14.26
CA VAL B 46 10.00 -13.89 13.46
C VAL B 46 10.45 -15.32 13.83
N VAL B 47 10.34 -15.69 15.12
CA VAL B 47 10.77 -17.01 15.65
C VAL B 47 9.73 -17.50 16.65
N TYR B 48 9.16 -18.69 16.41
CA TYR B 48 8.16 -19.36 17.28
C TYR B 48 8.71 -20.73 17.71
N ASP B 49 8.19 -21.24 18.81
CA ASP B 49 8.55 -22.55 19.40
C ASP B 49 10.08 -22.63 19.45
N ASP B 50 10.74 -21.55 19.91
CA ASP B 50 12.20 -21.46 20.19
C ASP B 50 13.01 -21.15 18.92
N SER B 51 12.78 -21.86 17.81
CA SER B 51 13.76 -21.96 16.67
C SER B 51 13.10 -21.98 15.27
N ASP B 52 11.76 -22.01 15.17
CA ASP B 52 11.02 -22.05 13.88
C ASP B 52 10.73 -20.61 13.40
N ARG B 53 11.02 -20.30 12.12
CA ARG B 53 10.56 -19.05 11.47
C ARG B 53 9.35 -19.33 10.60
N PRO B 54 8.37 -18.42 10.57
CA PRO B 54 7.35 -18.41 9.53
C PRO B 54 7.95 -18.15 8.13
N SER B 55 7.22 -18.58 7.10
CA SER B 55 7.47 -18.22 5.68
C SER B 55 7.73 -16.71 5.55
N GLY B 56 8.80 -16.34 4.83
CA GLY B 56 9.06 -14.96 4.35
C GLY B 56 9.90 -14.15 5.33
N ILE B 57 10.40 -14.81 6.38
CA ILE B 57 11.32 -14.22 7.41
C ILE B 57 12.71 -14.70 7.05
N PRO B 58 13.69 -13.78 6.75
CA PRO B 58 15.01 -14.19 6.28
C PRO B 58 15.73 -15.29 7.10
N GLU B 59 16.62 -16.03 6.40
CA GLU B 59 17.51 -17.11 6.91
C GLU B 59 18.32 -16.61 8.12
N ARG B 60 18.54 -15.30 8.20
CA ARG B 60 19.47 -14.60 9.13
C ARG B 60 18.98 -14.75 10.58
N PHE B 61 17.66 -14.85 10.79
CA PHE B 61 16.99 -14.92 12.12
C PHE B 61 16.85 -16.38 12.58
N SER B 62 17.59 -16.79 13.61
CA SER B 62 17.45 -18.12 14.23
C SER B 62 17.34 -17.96 15.75
N GLY B 63 16.76 -18.95 16.44
CA GLY B 63 16.52 -18.96 17.89
C GLY B 63 17.04 -20.22 18.57
N SER B 64 17.15 -20.19 19.90
CA SER B 64 17.73 -21.22 20.78
C SER B 64 17.30 -20.96 22.23
N ASN B 65 17.15 -22.00 23.05
CA ASN B 65 16.47 -21.90 24.36
C ASN B 65 16.83 -23.16 25.14
N SER B 66 17.48 -22.98 26.31
CA SER B 66 17.67 -24.03 27.34
C SER B 66 18.01 -23.38 28.69
N GLY B 67 17.80 -24.09 29.80
CA GLY B 67 18.04 -23.57 31.16
C GLY B 67 17.21 -22.32 31.40
N ASN B 68 17.84 -21.22 31.82
CA ASN B 68 17.16 -19.95 32.20
C ASN B 68 17.40 -18.86 31.13
N THR B 69 17.85 -19.21 29.91
CA THR B 69 18.17 -18.27 28.82
C THR B 69 17.76 -18.85 27.47
N ALA B 70 17.00 -18.08 26.70
CA ALA B 70 16.79 -18.29 25.24
C ALA B 70 17.44 -17.13 24.48
N THR B 71 17.85 -17.37 23.25
CA THR B 71 18.65 -16.44 22.43
C THR B 71 18.04 -16.31 21.03
N LEU B 72 17.69 -15.09 20.64
CA LEU B 72 17.47 -14.75 19.23
C LEU B 72 18.83 -14.34 18.65
N THR B 73 19.25 -14.99 17.57
CA THR B 73 20.48 -14.61 16.81
C THR B 73 20.04 -13.97 15.50
N ILE B 74 20.57 -12.77 15.19
CA ILE B 74 20.39 -12.08 13.89
C ILE B 74 21.75 -11.98 13.21
N SER B 75 21.97 -12.79 12.17
CA SER B 75 23.24 -12.78 11.38
C SER B 75 23.10 -11.74 10.25
N ARG B 76 24.25 -11.16 9.87
CA ARG B 76 24.42 -10.20 8.75
C ARG B 76 23.38 -9.08 8.96
N VAL B 77 23.46 -8.43 10.11
CA VAL B 77 22.63 -7.25 10.50
C VAL B 77 22.89 -6.12 9.48
N GLU B 78 21.86 -5.73 8.76
CA GLU B 78 21.82 -4.52 7.90
C GLU B 78 21.00 -3.49 8.68
N ALA B 79 21.05 -2.21 8.27
CA ALA B 79 20.30 -1.07 8.85
C ALA B 79 18.82 -1.42 9.00
N GLY B 80 18.27 -2.20 8.06
CA GLY B 80 16.86 -2.61 8.02
C GLY B 80 16.41 -3.33 9.29
N ASP B 81 17.32 -3.94 10.06
CA ASP B 81 16.96 -4.74 11.28
C ASP B 81 17.10 -3.90 12.55
N GLU B 82 17.25 -2.58 12.42
CA GLU B 82 17.11 -1.62 13.55
C GLU B 82 15.65 -1.66 14.01
N ALA B 83 15.41 -2.24 15.17
CA ALA B 83 14.04 -2.50 15.64
C ALA B 83 14.10 -2.86 17.11
N ASP B 84 12.93 -2.87 17.74
CA ASP B 84 12.73 -3.52 19.04
C ASP B 84 12.41 -5.00 18.77
N TYR B 85 12.91 -5.86 19.63
CA TYR B 85 12.73 -7.33 19.63
C TYR B 85 12.24 -7.74 21.01
N TYR B 86 11.10 -8.44 21.06
CA TYR B 86 10.42 -8.85 22.31
C TYR B 86 10.35 -10.38 22.39
N CYS B 87 10.86 -10.96 23.45
CA CYS B 87 10.62 -12.41 23.68
C CYS B 87 9.28 -12.50 24.41
N GLN B 88 8.71 -13.69 24.46
CA GLN B 88 7.34 -13.90 24.95
C GLN B 88 7.15 -15.40 25.19
N VAL B 89 6.43 -15.77 26.27
CA VAL B 89 6.07 -17.18 26.58
C VAL B 89 4.62 -17.28 27.07
N TRP B 90 4.06 -18.49 26.97
CA TRP B 90 2.76 -18.89 27.60
C TRP B 90 3.07 -19.64 28.89
N ASP B 91 2.82 -19.00 30.02
CA ASP B 91 2.88 -19.61 31.37
C ASP B 91 1.54 -20.26 31.69
N THR B 92 1.55 -21.47 32.28
CA THR B 92 0.33 -22.19 32.78
C THR B 92 -0.47 -21.29 33.74
N TYR B 93 0.22 -20.46 34.53
CA TYR B 93 -0.36 -19.72 35.69
C TYR B 93 -0.47 -18.22 35.39
N SER B 94 0.33 -17.67 34.47
CA SER B 94 0.41 -16.22 34.15
C SER B 94 -0.10 -15.91 32.72
N ASP B 95 -0.62 -16.91 32.01
CA ASP B 95 -0.98 -16.78 30.57
C ASP B 95 0.22 -16.19 29.83
N TYR B 96 0.02 -15.15 29.01
CA TYR B 96 1.05 -14.65 28.06
C TYR B 96 1.86 -13.54 28.72
N VAL B 97 3.17 -13.66 28.65
CA VAL B 97 4.15 -12.72 29.29
C VAL B 97 5.16 -12.29 28.23
N PHE B 98 5.43 -10.98 28.15
CA PHE B 98 6.45 -10.39 27.27
C PHE B 98 7.65 -9.96 28.09
N GLY B 99 8.86 -10.14 27.55
CA GLY B 99 10.07 -9.46 28.01
C GLY B 99 9.95 -7.96 27.80
N THR B 100 10.90 -7.19 28.33
CA THR B 100 10.90 -5.69 28.31
C THR B 100 11.31 -5.17 26.93
N GLY B 101 11.90 -6.01 26.09
CA GLY B 101 12.28 -5.65 24.71
C GLY B 101 13.74 -5.23 24.62
N THR B 102 14.40 -5.53 23.50
CA THR B 102 15.78 -5.09 23.20
C THR B 102 15.79 -4.28 21.88
N LYS B 103 16.32 -3.06 21.93
CA LYS B 103 16.55 -2.25 20.71
C LYS B 103 17.83 -2.75 20.05
N VAL B 104 17.79 -3.07 18.73
CA VAL B 104 19.03 -3.37 17.92
C VAL B 104 19.54 -2.07 17.29
N THR B 105 20.75 -1.69 17.69
CA THR B 105 21.50 -0.46 17.32
C THR B 105 22.64 -0.87 16.39
N VAL B 106 22.70 -0.29 15.18
CA VAL B 106 23.87 -0.42 14.28
C VAL B 106 25.02 0.44 14.84
N LEU B 107 26.21 -0.15 14.91
CA LEU B 107 27.45 0.43 15.47
C LEU B 107 28.20 1.16 14.34
N ARG B 108 28.69 2.36 14.60
CA ARG B 108 29.50 3.16 13.66
C ARG B 108 30.52 3.89 14.53
N THR B 109 31.42 4.68 13.96
CA THR B 109 32.38 5.47 14.75
C THR B 109 31.63 6.56 15.53
N VAL B 110 32.26 7.02 16.61
CA VAL B 110 31.83 8.19 17.43
C VAL B 110 31.70 9.40 16.50
N ALA B 111 30.62 10.16 16.60
CA ALA B 111 30.46 11.48 15.95
C ALA B 111 29.92 12.46 16.99
N ALA B 112 30.58 13.61 17.10
CA ALA B 112 30.21 14.70 18.00
C ALA B 112 28.98 15.39 17.42
N PRO B 113 28.02 15.81 18.27
CA PRO B 113 26.85 16.53 17.78
C PRO B 113 27.33 17.91 17.33
N SER B 114 26.82 18.42 16.19
CA SER B 114 26.83 19.88 15.87
C SER B 114 25.68 20.56 16.64
N VAL B 115 25.97 21.63 17.40
CA VAL B 115 25.02 22.21 18.40
C VAL B 115 24.52 23.57 17.92
N PHE B 116 23.20 23.79 18.00
CA PHE B 116 22.54 25.04 17.56
C PHE B 116 21.53 25.46 18.62
N ILE B 117 21.44 26.77 18.85
CA ILE B 117 20.50 27.36 19.83
C ILE B 117 19.63 28.33 19.05
N PHE B 118 18.30 28.26 19.23
CA PHE B 118 17.30 29.18 18.63
C PHE B 118 16.56 29.91 19.76
N PRO B 119 16.60 31.26 19.75
CA PRO B 119 15.75 32.07 20.61
C PRO B 119 14.27 31.94 20.25
N PRO B 120 13.37 32.25 21.19
CA PRO B 120 11.96 32.47 20.86
C PRO B 120 11.92 33.40 19.64
N SER B 121 11.13 33.04 18.61
CA SER B 121 10.71 33.94 17.51
C SER B 121 9.94 35.15 18.07
N ASP B 122 10.01 36.28 17.37
CA ASP B 122 9.23 37.49 17.74
C ASP B 122 7.73 37.13 17.68
N GLU B 123 7.32 36.27 16.74
CA GLU B 123 5.91 35.84 16.59
C GLU B 123 5.42 35.15 17.87
N GLN B 124 6.22 34.25 18.42
CA GLN B 124 5.84 33.49 19.65
C GLN B 124 5.74 34.47 20.80
N LEU B 125 6.70 35.37 20.95
CA LEU B 125 6.75 36.36 22.06
C LEU B 125 5.49 37.23 22.05
N LYS B 126 4.94 37.52 20.87
CA LYS B 126 3.74 38.38 20.75
C LYS B 126 2.55 37.65 21.37
N SER B 127 2.54 36.30 21.33
CA SER B 127 1.40 35.43 21.75
C SER B 127 1.52 35.00 23.23
N GLY B 128 2.50 35.53 23.97
CA GLY B 128 2.59 35.37 25.44
C GLY B 128 3.36 34.13 25.91
N THR B 129 4.12 33.45 25.03
CA THR B 129 5.01 32.33 25.44
C THR B 129 6.42 32.48 24.86
N ALA B 130 7.40 31.79 25.44
CA ALA B 130 8.78 31.69 24.92
C ALA B 130 9.24 30.22 24.92
N SER B 131 9.62 29.72 23.73
CA SER B 131 10.30 28.43 23.56
C SER B 131 11.72 28.72 23.08
N VAL B 132 12.73 28.27 23.82
CA VAL B 132 14.16 28.27 23.42
C VAL B 132 14.50 26.84 23.02
N VAL B 133 15.07 26.67 21.82
CA VAL B 133 15.32 25.32 21.24
C VAL B 133 16.84 25.12 21.13
N CYS B 134 17.29 23.92 21.52
N CYS B 134 17.30 23.95 21.57
CA CYS B 134 18.71 23.44 21.43
CA CYS B 134 18.70 23.52 21.33
C CYS B 134 18.76 22.19 20.54
C CYS B 134 18.67 22.24 20.48
N LEU B 135 19.45 22.25 19.40
CA LEU B 135 19.51 21.14 18.42
C LEU B 135 20.91 20.52 18.48
N LEU B 136 20.96 19.21 18.71
CA LEU B 136 22.17 18.37 18.65
C LEU B 136 22.01 17.52 17.41
N ASN B 137 22.82 17.75 16.37
CA ASN B 137 22.59 17.14 15.04
C ASN B 137 23.68 16.10 14.71
N ASN B 138 23.25 14.91 14.25
CA ASN B 138 24.11 13.90 13.60
C ASN B 138 25.23 13.46 14.55
N PHE B 139 24.87 12.90 15.71
CA PHE B 139 25.83 12.41 16.73
C PHE B 139 25.65 10.91 16.93
N TYR B 140 26.72 10.24 17.38
CA TYR B 140 26.73 8.79 17.72
C TYR B 140 27.78 8.58 18.81
N PRO B 141 27.54 7.78 19.87
CA PRO B 141 26.30 7.06 20.08
C PRO B 141 25.18 7.92 20.70
N ARG B 142 24.05 7.29 21.03
CA ARG B 142 22.80 7.99 21.40
C ARG B 142 22.95 8.82 22.68
N GLU B 143 23.84 8.45 23.61
CA GLU B 143 23.84 9.00 25.00
C GLU B 143 24.32 10.46 24.95
N ALA B 144 23.51 11.37 25.47
CA ALA B 144 23.76 12.82 25.43
C ALA B 144 23.05 13.49 26.62
N LYS B 145 23.74 14.45 27.28
CA LYS B 145 23.17 15.33 28.34
C LYS B 145 23.11 16.75 27.80
N VAL B 146 21.94 17.37 27.89
CA VAL B 146 21.72 18.83 27.67
C VAL B 146 21.42 19.49 29.02
N GLN B 147 22.28 20.38 29.51
CA GLN B 147 21.98 21.25 30.68
C GLN B 147 21.75 22.69 30.18
N TRP B 148 20.57 23.22 30.50
CA TRP B 148 20.11 24.60 30.22
C TRP B 148 20.56 25.52 31.34
N LYS B 149 21.06 26.70 31.00
CA LYS B 149 21.43 27.76 31.97
C LYS B 149 20.86 29.11 31.50
N VAL B 150 20.27 29.82 32.45
CA VAL B 150 19.63 31.15 32.31
C VAL B 150 20.27 32.06 33.36
N ASP B 151 21.04 33.05 32.91
CA ASP B 151 21.81 33.94 33.80
C ASP B 151 22.53 33.07 34.85
N ASN B 152 23.19 32.01 34.37
CA ASN B 152 23.96 30.96 35.11
C ASN B 152 23.10 30.09 36.05
N ALA B 153 21.77 30.29 36.17
CA ALA B 153 20.86 29.39 36.95
C ALA B 153 20.65 28.09 36.16
N LEU B 154 20.99 26.95 36.76
CA LEU B 154 20.81 25.65 36.06
C LEU B 154 19.32 25.32 36.09
N GLN B 155 18.74 24.97 34.95
CA GLN B 155 17.28 24.80 34.76
C GLN B 155 16.95 23.32 34.97
N SER B 156 15.95 23.01 35.79
CA SER B 156 15.58 21.66 36.27
C SER B 156 14.07 21.49 36.15
N GLY B 157 13.64 20.60 35.25
CA GLY B 157 12.24 20.15 35.12
C GLY B 157 11.47 20.93 34.07
N ASN B 158 12.01 22.02 33.55
CA ASN B 158 11.20 22.92 32.68
C ASN B 158 11.61 22.72 31.21
N SER B 159 12.19 21.57 30.87
CA SER B 159 12.66 21.29 29.49
C SER B 159 12.12 19.92 29.07
N GLN B 160 11.93 19.69 27.77
CA GLN B 160 11.55 18.35 27.24
C GLN B 160 12.39 18.12 26.00
N GLU B 161 12.60 16.86 25.65
CA GLU B 161 13.44 16.51 24.49
C GLU B 161 12.92 15.25 23.81
N SER B 162 13.21 15.14 22.52
CA SER B 162 12.95 13.93 21.73
C SER B 162 14.09 13.78 20.73
N VAL B 163 14.33 12.50 20.38
CA VAL B 163 15.46 11.97 19.59
C VAL B 163 14.89 11.31 18.34
N THR B 164 15.49 11.48 17.16
CA THR B 164 15.03 10.73 15.99
C THR B 164 15.51 9.30 16.20
N GLU B 165 15.07 8.38 15.36
CA GLU B 165 15.67 7.05 15.17
C GLU B 165 17.01 7.20 14.42
N GLN B 166 17.86 6.18 14.55
CA GLN B 166 19.13 6.06 13.77
C GLN B 166 18.79 6.34 12.31
N ASP B 167 19.47 7.31 11.71
CA ASP B 167 19.38 7.58 10.26
C ASP B 167 19.75 6.29 9.49
N SER B 168 19.06 5.96 8.41
CA SER B 168 19.31 4.68 7.67
C SER B 168 20.53 4.79 6.72
N LYS B 169 20.90 6.01 6.30
CA LYS B 169 22.16 6.34 5.57
C LYS B 169 23.38 6.40 6.52
N ASP B 170 23.45 7.34 7.48
CA ASP B 170 24.70 7.63 8.26
C ASP B 170 24.68 7.07 9.68
N SER B 171 23.57 6.52 10.16
CA SER B 171 23.45 5.81 11.46
C SER B 171 23.52 6.78 12.67
N THR B 172 23.36 8.08 12.46
CA THR B 172 23.45 9.06 13.55
C THR B 172 22.08 9.32 14.18
N TYR B 173 22.12 10.02 15.31
CA TYR B 173 20.93 10.55 15.99
C TYR B 173 20.98 12.08 15.93
N SER B 174 19.80 12.69 16.00
CA SER B 174 19.62 14.12 16.31
C SER B 174 18.68 14.29 17.51
N LEU B 175 18.92 15.30 18.33
CA LEU B 175 18.07 15.50 19.52
C LEU B 175 17.71 17.00 19.60
N SER B 176 16.45 17.30 19.93
CA SER B 176 16.03 18.69 20.20
C SER B 176 15.55 18.78 21.63
N SER B 177 16.02 19.79 22.37
CA SER B 177 15.60 20.12 23.74
C SER B 177 14.92 21.50 23.70
N THR B 178 13.71 21.58 24.23
CA THR B 178 12.89 22.81 24.30
C THR B 178 12.80 23.23 25.76
N LEU B 179 13.32 24.43 26.07
CA LEU B 179 13.15 25.12 27.38
C LEU B 179 11.90 25.98 27.30
N THR B 180 10.93 25.72 28.17
CA THR B 180 9.65 26.49 28.28
C THR B 180 9.76 27.44 29.48
N LEU B 181 9.49 28.72 29.20
CA LEU B 181 9.43 29.88 30.13
C LEU B 181 8.25 30.76 29.72
N SER B 182 7.55 31.37 30.66
CA SER B 182 6.62 32.50 30.41
C SER B 182 7.34 33.65 29.67
N LYS B 183 6.63 34.41 28.83
CA LYS B 183 7.20 35.62 28.20
C LYS B 183 7.76 36.58 29.27
N ALA B 184 7.05 36.84 30.37
CA ALA B 184 7.51 37.73 31.47
C ALA B 184 8.83 37.22 32.06
N ASP B 185 9.04 35.90 32.13
CA ASP B 185 10.27 35.32 32.72
C ASP B 185 11.41 35.41 31.70
N TYR B 186 11.13 35.11 30.41
CA TYR B 186 12.14 35.22 29.33
C TYR B 186 12.73 36.65 29.35
N GLU B 187 11.91 37.67 29.61
CA GLU B 187 12.32 39.11 29.52
C GLU B 187 13.01 39.61 30.79
N LYS B 188 13.18 38.76 31.81
CA LYS B 188 13.86 39.11 33.10
C LYS B 188 15.34 38.72 33.07
N HIS B 189 15.78 37.92 32.09
CA HIS B 189 17.17 37.39 32.04
C HIS B 189 17.82 37.71 30.69
N LYS B 190 19.14 37.66 30.62
CA LYS B 190 19.88 38.03 29.39
C LYS B 190 20.48 36.80 28.72
N VAL B 191 21.26 35.98 29.45
CA VAL B 191 22.12 34.94 28.82
C VAL B 191 21.42 33.58 28.87
N TYR B 192 21.08 33.05 27.68
CA TYR B 192 20.43 31.74 27.47
C TYR B 192 21.42 30.79 26.84
N ALA B 193 21.71 29.72 27.55
CA ALA B 193 22.88 28.88 27.28
C ALA B 193 22.43 27.44 27.33
N CYS B 194 22.75 26.69 26.27
N CYS B 194 22.87 26.67 26.34
CA CYS B 194 22.56 25.23 26.18
CA CYS B 194 22.56 25.23 26.16
C CYS B 194 23.92 24.54 26.27
C CYS B 194 23.88 24.47 26.20
N GLU B 195 24.10 23.65 27.24
CA GLU B 195 25.42 22.94 27.45
C GLU B 195 25.31 21.45 27.10
N VAL B 196 26.14 20.99 26.15
CA VAL B 196 26.09 19.60 25.60
C VAL B 196 27.33 18.81 26.04
N THR B 197 27.10 17.65 26.67
CA THR B 197 28.10 16.62 27.04
C THR B 197 27.87 15.38 26.17
N HIS B 198 28.92 14.87 25.55
CA HIS B 198 28.88 13.64 24.73
C HIS B 198 30.28 13.04 24.60
N GLN B 199 30.32 11.72 24.53
CA GLN B 199 31.54 10.88 24.39
C GLN B 199 32.46 11.47 23.30
N GLY B 200 31.93 12.22 22.31
CA GLY B 200 32.66 12.69 21.11
C GLY B 200 33.30 14.08 21.27
N LEU B 201 33.06 14.76 22.39
CA LEU B 201 33.64 16.08 22.75
C LEU B 201 34.52 15.88 24.00
N SER B 202 35.81 16.20 23.91
CA SER B 202 36.81 16.08 25.02
C SER B 202 36.44 17.02 26.19
N SER B 203 35.87 18.19 25.87
CA SER B 203 35.17 19.09 26.83
C SER B 203 33.80 19.48 26.26
N PRO B 204 32.79 19.73 27.12
CA PRO B 204 31.44 20.04 26.67
C PRO B 204 31.31 21.40 25.94
N VAL B 205 30.40 21.45 24.97
CA VAL B 205 30.18 22.58 24.04
C VAL B 205 28.95 23.38 24.48
N THR B 206 29.13 24.69 24.67
CA THR B 206 28.08 25.67 25.08
C THR B 206 27.72 26.52 23.85
N LYS B 207 26.43 26.59 23.51
CA LYS B 207 25.86 27.59 22.56
C LYS B 207 24.93 28.52 23.34
N SER B 208 25.14 29.82 23.17
CA SER B 208 24.49 30.90 23.96
C SER B 208 24.03 31.99 23.02
N PHE B 209 23.04 32.76 23.45
CA PHE B 209 22.74 34.12 22.93
C PHE B 209 22.44 35.03 24.12
N ASN B 210 22.45 36.34 23.90
CA ASN B 210 21.92 37.35 24.82
C ASN B 210 20.62 37.86 24.22
N ARG B 211 19.52 37.80 24.98
CA ARG B 211 18.16 38.24 24.55
C ARG B 211 18.25 39.59 23.85
N GLY B 212 17.72 39.70 22.63
CA GLY B 212 17.57 40.97 21.88
C GLY B 212 18.88 41.54 21.31
N GLU B 213 19.95 40.72 21.21
CA GLU B 213 21.16 40.97 20.38
C GLU B 213 21.13 39.97 19.19
N CYS B 214 21.39 40.42 17.95
CA CYS B 214 21.55 39.55 16.75
C CYS B 214 22.26 38.24 17.15
N SER B 215 21.54 37.10 17.15
CA SER B 215 22.00 35.78 17.67
C SER B 215 22.48 34.88 16.52
N GLN C 1 1.77 20.67 -19.24
CA GLN C 1 3.00 20.77 -20.09
C GLN C 1 3.80 19.46 -20.01
N VAL C 2 4.29 19.08 -18.82
CA VAL C 2 5.23 17.93 -18.63
C VAL C 2 4.53 16.64 -19.10
N GLN C 3 5.28 15.82 -19.84
CA GLN C 3 4.78 14.61 -20.54
C GLN C 3 5.89 13.55 -20.53
N LEU C 4 5.54 12.31 -20.17
CA LEU C 4 6.49 11.20 -19.98
C LEU C 4 6.37 10.24 -21.18
N GLN C 5 7.49 9.99 -21.88
CA GLN C 5 7.53 9.06 -23.05
C GLN C 5 8.38 7.82 -22.73
N GLN C 6 7.78 6.64 -22.92
CA GLN C 6 8.38 5.36 -22.47
C GLN C 6 8.93 4.61 -23.69
N SER C 7 9.94 3.75 -23.49
CA SER C 7 10.51 2.88 -24.55
C SER C 7 9.43 1.89 -24.98
N GLY C 8 9.64 1.29 -26.15
CA GLY C 8 8.64 0.43 -26.81
C GLY C 8 8.56 -0.95 -26.19
N ALA C 9 7.57 -1.71 -26.65
CA ALA C 9 7.21 -3.06 -26.18
C ALA C 9 8.39 -4.01 -26.38
N GLU C 10 8.53 -5.00 -25.48
CA GLU C 10 9.61 -6.01 -25.54
C GLU C 10 9.07 -7.41 -25.26
N VAL C 11 9.64 -8.41 -25.92
CA VAL C 11 9.46 -9.86 -25.65
C VAL C 11 10.77 -10.34 -25.06
N LYS C 12 10.74 -10.89 -23.86
CA LYS C 12 11.95 -11.31 -23.13
C LYS C 12 11.85 -12.81 -22.81
N LYS C 13 12.92 -13.57 -23.05
CA LYS C 13 13.01 -15.01 -22.67
C LYS C 13 13.17 -15.04 -21.15
N PRO C 14 12.61 -16.05 -20.45
CA PRO C 14 12.89 -16.26 -19.02
C PRO C 14 14.38 -16.21 -18.66
N GLY C 15 14.71 -15.58 -17.54
CA GLY C 15 16.11 -15.40 -17.08
C GLY C 15 16.74 -14.09 -17.57
N SER C 16 16.26 -13.50 -18.66
CA SER C 16 16.84 -12.25 -19.23
C SER C 16 16.50 -11.07 -18.30
N SER C 17 17.00 -9.87 -18.62
CA SER C 17 16.69 -8.63 -17.88
C SER C 17 16.20 -7.62 -18.90
N VAL C 18 15.23 -6.77 -18.52
CA VAL C 18 14.81 -5.65 -19.38
C VAL C 18 15.08 -4.35 -18.64
N LYS C 19 15.48 -3.34 -19.40
CA LYS C 19 15.69 -1.95 -18.91
C LYS C 19 14.79 -1.05 -19.75
N VAL C 20 13.78 -0.47 -19.14
CA VAL C 20 12.73 0.38 -19.76
C VAL C 20 13.05 1.85 -19.41
N SER C 21 12.87 2.76 -20.38
CA SER C 21 13.16 4.21 -20.26
C SER C 21 11.85 5.00 -20.18
N CYS C 22 12.00 6.19 -19.59
CA CYS C 22 10.95 7.20 -19.31
C CYS C 22 11.56 8.61 -19.44
N LYS C 23 11.34 9.28 -20.58
CA LYS C 23 11.94 10.60 -20.93
C LYS C 23 10.90 11.69 -20.70
N ALA C 24 11.27 12.72 -19.92
CA ALA C 24 10.38 13.81 -19.48
C ALA C 24 10.65 15.09 -20.27
N SER C 25 9.60 15.66 -20.89
CA SER C 25 9.54 16.98 -21.57
C SER C 25 9.73 18.11 -20.55
N SER C 30 13.40 16.87 -13.44
CA SER C 30 14.15 18.12 -13.13
C SER C 30 14.18 18.35 -11.60
N THR C 31 13.11 18.92 -11.04
CA THR C 31 12.87 19.12 -9.59
C THR C 31 11.57 18.41 -9.20
N TYR C 32 11.37 17.17 -9.66
CA TYR C 32 10.35 16.18 -9.17
C TYR C 32 10.96 14.78 -9.26
N SER C 33 10.30 13.79 -8.63
CA SER C 33 10.72 12.37 -8.68
C SER C 33 9.73 11.53 -9.51
N ILE C 34 10.23 10.41 -10.05
CA ILE C 34 9.52 9.47 -10.97
C ILE C 34 9.40 8.12 -10.27
N SER C 35 8.19 7.57 -10.19
CA SER C 35 7.88 6.23 -9.61
C SER C 35 7.64 5.25 -10.76
N TRP C 36 7.83 3.98 -10.52
CA TRP C 36 7.47 2.90 -11.47
C TRP C 36 6.33 2.08 -10.88
N VAL C 37 5.28 1.85 -11.65
CA VAL C 37 4.10 1.03 -11.26
C VAL C 37 3.82 0.02 -12.37
N ARG C 38 3.49 -1.20 -12.00
CA ARG C 38 3.23 -2.28 -12.98
C ARG C 38 1.79 -2.77 -12.83
N GLN C 39 1.29 -3.35 -13.89
CA GLN C 39 -0.06 -3.97 -13.93
C GLN C 39 0.04 -5.23 -14.77
N ALA C 40 0.05 -6.39 -14.14
CA ALA C 40 -0.06 -7.71 -14.81
C ALA C 40 -1.43 -7.77 -15.52
N PRO C 41 -1.58 -8.55 -16.61
CA PRO C 41 -2.81 -8.52 -17.39
C PRO C 41 -3.99 -8.93 -16.48
N GLY C 42 -5.03 -8.09 -16.45
CA GLY C 42 -6.24 -8.29 -15.63
C GLY C 42 -6.05 -7.98 -14.14
N GLN C 43 -4.91 -7.41 -13.70
CA GLN C 43 -4.59 -7.34 -12.23
C GLN C 43 -4.58 -5.88 -11.74
N GLY C 44 -4.19 -5.67 -10.48
CA GLY C 44 -4.14 -4.34 -9.84
C GLY C 44 -2.81 -3.64 -10.11
N LEU C 45 -2.76 -2.32 -9.86
CA LEU C 45 -1.53 -1.48 -9.89
C LEU C 45 -0.61 -1.88 -8.75
N GLU C 46 0.69 -1.99 -8.98
CA GLU C 46 1.67 -2.39 -7.95
C GLU C 46 2.87 -1.45 -8.05
N TRP C 47 3.13 -0.67 -6.99
CA TRP C 47 4.31 0.20 -6.91
C TRP C 47 5.55 -0.70 -6.95
N MET C 48 6.59 -0.26 -7.63
CA MET C 48 7.83 -1.03 -7.80
C MET C 48 9.04 -0.30 -7.21
N GLY C 49 9.06 1.04 -7.25
CA GLY C 49 10.18 1.87 -6.74
C GLY C 49 10.09 3.31 -7.21
N GLY C 66 14.97 -8.52 -4.82
CA GLY C 66 15.89 -7.41 -5.15
C GLY C 66 16.34 -7.50 -6.60
N ARG C 67 15.39 -7.67 -7.54
CA ARG C 67 15.61 -7.75 -9.01
C ARG C 67 15.42 -6.37 -9.68
N VAL C 68 15.25 -5.27 -8.93
CA VAL C 68 14.80 -3.95 -9.45
C VAL C 68 15.88 -2.89 -9.18
N THR C 69 16.42 -2.30 -10.24
CA THR C 69 17.36 -1.18 -10.17
C THR C 69 16.66 0.04 -10.78
N ILE C 70 16.36 1.07 -9.98
CA ILE C 70 15.85 2.37 -10.51
C ILE C 70 17.01 3.38 -10.51
N THR C 71 17.21 4.05 -11.64
CA THR C 71 18.27 5.08 -11.83
C THR C 71 17.68 6.26 -12.61
N THR C 72 18.39 7.39 -12.63
CA THR C 72 18.00 8.57 -13.45
C THR C 72 19.25 9.15 -14.09
N ASP C 73 19.05 9.76 -15.26
CA ASP C 73 20.09 10.47 -16.05
C ASP C 73 19.62 11.93 -16.13
N GLU C 74 20.09 12.78 -15.21
CA GLU C 74 19.64 14.20 -15.12
C GLU C 74 19.98 14.89 -16.45
N SER C 75 21.08 14.53 -17.12
CA SER C 75 21.59 15.18 -18.38
C SER C 75 20.64 14.97 -19.58
N THR C 76 19.88 13.87 -19.62
CA THR C 76 18.93 13.51 -20.71
C THR C 76 17.49 13.53 -20.20
N SER C 77 17.30 13.91 -18.93
CA SER C 77 16.01 13.99 -18.20
C SER C 77 15.21 12.70 -18.43
N THR C 78 15.87 11.56 -18.23
CA THR C 78 15.34 10.19 -18.43
C THR C 78 15.51 9.38 -17.13
N ALA C 79 14.45 8.67 -16.75
CA ALA C 79 14.41 7.71 -15.63
C ALA C 79 14.31 6.28 -16.20
N TYR C 80 14.95 5.32 -15.52
CA TYR C 80 15.18 3.93 -15.97
C TYR C 80 14.77 2.97 -14.87
N MET C 81 14.22 1.81 -15.24
CA MET C 81 13.90 0.68 -14.35
C MET C 81 14.38 -0.59 -15.04
N GLU C 82 15.38 -1.24 -14.44
CA GLU C 82 15.90 -2.55 -14.88
C GLU C 82 15.29 -3.64 -13.99
N LEU C 83 14.74 -4.68 -14.61
CA LEU C 83 14.15 -5.85 -13.91
C LEU C 83 14.87 -7.09 -14.40
N SER C 84 15.57 -7.76 -13.48
CA SER C 84 16.49 -8.90 -13.72
C SER C 84 15.76 -10.21 -13.47
N SER C 85 16.27 -11.28 -14.07
CA SER C 85 15.85 -12.70 -13.88
C SER C 85 14.34 -12.78 -14.11
N LEU C 86 13.92 -12.17 -15.22
CA LEU C 86 12.49 -12.03 -15.59
C LEU C 86 11.87 -13.42 -15.55
N ARG C 87 10.63 -13.50 -15.07
CA ARG C 87 9.80 -14.73 -15.20
C ARG C 87 8.41 -14.34 -15.71
N SER C 88 7.61 -15.35 -16.10
CA SER C 88 6.25 -15.27 -16.70
C SER C 88 5.38 -14.28 -15.96
N GLU C 89 5.50 -14.28 -14.64
CA GLU C 89 4.75 -13.45 -13.69
C GLU C 89 5.12 -11.97 -13.88
N ASP C 90 6.25 -11.68 -14.52
CA ASP C 90 6.72 -10.28 -14.74
C ASP C 90 6.06 -9.72 -16.01
N THR C 91 5.42 -10.57 -16.81
CA THR C 91 4.58 -10.14 -17.97
C THR C 91 3.61 -9.09 -17.43
N ALA C 92 3.69 -7.86 -17.94
CA ALA C 92 2.93 -6.74 -17.35
C ALA C 92 3.11 -5.48 -18.22
N VAL C 93 2.27 -4.49 -17.94
CA VAL C 93 2.49 -3.10 -18.42
C VAL C 93 3.22 -2.36 -17.31
N TYR C 94 4.37 -1.78 -17.65
CA TYR C 94 5.25 -1.01 -16.75
C TYR C 94 5.02 0.49 -17.02
N TYR C 95 4.50 1.20 -16.02
CA TYR C 95 4.24 2.66 -16.13
C TYR C 95 5.31 3.43 -15.37
N CYS C 96 5.71 4.58 -15.89
CA CYS C 96 6.39 5.61 -15.08
C CYS C 96 5.42 6.75 -14.81
N ALA C 97 5.61 7.48 -13.70
CA ALA C 97 4.72 8.59 -13.28
C ALA C 97 5.43 9.57 -12.34
N ARG C 98 4.98 10.82 -12.38
CA ARG C 98 5.56 11.90 -11.54
C ARG C 98 4.89 11.86 -10.17
N ASP C 99 5.71 11.81 -9.11
CA ASP C 99 5.29 12.00 -7.69
C ASP C 99 4.86 13.45 -7.42
N THR C 100 3.72 13.58 -6.73
CA THR C 100 3.01 14.81 -6.29
C THR C 100 3.59 15.22 -4.92
N ALA C 101 3.40 16.48 -4.50
CA ALA C 101 3.88 17.01 -3.20
C ALA C 101 3.37 16.13 -2.07
N THR C 102 2.09 15.71 -2.14
CA THR C 102 1.29 15.08 -1.05
C THR C 102 1.26 13.55 -1.18
N GLY C 103 2.15 12.92 -1.96
CA GLY C 103 2.15 11.47 -2.19
C GLY C 103 1.04 11.01 -3.13
N GLY C 104 0.88 11.68 -4.28
CA GLY C 104 0.03 11.26 -5.40
C GLY C 104 0.89 11.06 -6.64
N MET C 105 0.28 10.82 -7.81
CA MET C 105 1.00 10.70 -9.10
C MET C 105 0.13 11.33 -10.17
N ASP C 106 0.60 12.40 -10.82
CA ASP C 106 -0.24 13.26 -11.70
C ASP C 106 0.05 12.98 -13.19
N VAL C 107 1.32 12.95 -13.60
CA VAL C 107 1.68 12.70 -15.02
C VAL C 107 2.14 11.24 -15.18
N TRP C 108 1.45 10.51 -16.05
CA TRP C 108 1.69 9.07 -16.33
C TRP C 108 2.18 8.90 -17.76
N GLY C 109 3.31 8.23 -17.94
CA GLY C 109 3.68 7.61 -19.22
C GLY C 109 2.57 6.66 -19.64
N GLN C 110 2.54 6.28 -20.91
CA GLN C 110 1.41 5.54 -21.54
C GLN C 110 1.65 4.04 -21.36
N GLY C 111 2.78 3.61 -20.79
CA GLY C 111 3.01 2.20 -20.42
C GLY C 111 3.80 1.43 -21.46
N THR C 112 4.76 0.61 -21.02
CA THR C 112 5.65 -0.28 -21.83
C THR C 112 5.24 -1.73 -21.59
N THR C 113 4.85 -2.45 -22.63
CA THR C 113 4.41 -3.86 -22.52
C THR C 113 5.68 -4.73 -22.53
N VAL C 114 5.87 -5.51 -21.47
CA VAL C 114 6.91 -6.58 -21.35
C VAL C 114 6.18 -7.92 -21.29
N THR C 115 6.48 -8.77 -22.23
CA THR C 115 5.93 -10.16 -22.33
C THR C 115 7.13 -11.06 -22.06
N VAL C 116 7.07 -11.84 -21.00
CA VAL C 116 8.14 -12.81 -20.67
C VAL C 116 7.67 -14.16 -21.21
N SER C 117 8.39 -14.77 -22.14
CA SER C 117 7.89 -15.97 -22.86
C SER C 117 9.02 -16.55 -23.71
N SER C 118 8.94 -17.86 -23.98
CA SER C 118 9.92 -18.63 -24.77
C SER C 118 9.34 -18.90 -26.16
N ALA C 119 8.10 -18.48 -26.42
CA ALA C 119 7.45 -18.75 -27.72
C ALA C 119 8.19 -17.96 -28.81
N SER C 120 8.09 -18.44 -30.07
CA SER C 120 8.52 -17.69 -31.26
C SER C 120 7.29 -17.03 -31.91
N THR C 121 7.50 -15.84 -32.47
CA THR C 121 6.57 -15.16 -33.44
C THR C 121 5.91 -16.20 -34.35
N LYS C 122 4.58 -16.20 -34.36
CA LYS C 122 3.75 -17.16 -35.14
C LYS C 122 2.42 -16.46 -35.44
N GLY C 123 2.00 -16.53 -36.70
CA GLY C 123 0.73 -16.03 -37.21
C GLY C 123 -0.38 -17.01 -36.84
N PRO C 124 -1.62 -16.54 -36.64
CA PRO C 124 -2.71 -17.42 -36.31
C PRO C 124 -3.06 -18.33 -37.49
N SER C 125 -3.79 -19.41 -37.22
CA SER C 125 -4.73 -20.05 -38.16
C SER C 125 -6.11 -19.45 -37.85
N VAL C 126 -6.96 -19.29 -38.84
CA VAL C 126 -8.32 -18.72 -38.71
C VAL C 126 -9.29 -19.81 -39.14
N PHE C 127 -10.17 -20.23 -38.24
CA PHE C 127 -11.11 -21.34 -38.45
C PHE C 127 -12.51 -20.76 -38.32
N PRO C 128 -13.49 -21.29 -39.07
CA PRO C 128 -14.86 -20.79 -38.99
C PRO C 128 -15.57 -21.31 -37.72
N LEU C 129 -16.33 -20.44 -37.09
CA LEU C 129 -17.39 -20.84 -36.15
C LEU C 129 -18.71 -20.78 -36.94
N ALA C 130 -19.11 -21.92 -37.51
CA ALA C 130 -20.16 -21.99 -38.54
C ALA C 130 -21.52 -21.92 -37.85
N PRO C 131 -22.52 -21.26 -38.49
CA PRO C 131 -23.91 -21.33 -38.00
C PRO C 131 -24.66 -22.54 -38.53
N SER C 132 -25.88 -22.78 -38.00
CA SER C 132 -26.82 -23.91 -38.34
C SER C 132 -27.55 -23.66 -39.67
N THR C 140 -32.32 -15.19 -35.72
CA THR C 140 -31.05 -14.70 -35.10
C THR C 140 -30.05 -15.84 -34.91
N ALA C 141 -29.07 -15.96 -35.80
CA ALA C 141 -28.06 -17.03 -35.77
C ALA C 141 -26.71 -16.45 -35.33
N ALA C 142 -25.88 -17.22 -34.62
CA ALA C 142 -24.50 -16.82 -34.26
C ALA C 142 -23.51 -17.49 -35.23
N LEU C 143 -22.48 -16.76 -35.68
CA LEU C 143 -21.32 -17.33 -36.40
C LEU C 143 -20.07 -16.58 -35.97
N GLY C 144 -18.87 -17.04 -36.36
CA GLY C 144 -17.65 -16.37 -35.94
C GLY C 144 -16.40 -16.94 -36.57
N CYS C 145 -15.27 -16.42 -36.13
CA CYS C 145 -13.89 -16.87 -36.45
C CYS C 145 -13.15 -17.20 -35.15
N LEU C 146 -12.50 -18.36 -35.11
CA LEU C 146 -11.57 -18.75 -34.03
C LEU C 146 -10.16 -18.44 -34.54
N VAL C 147 -9.50 -17.45 -33.94
CA VAL C 147 -8.13 -17.02 -34.35
C VAL C 147 -7.13 -17.62 -33.36
N LYS C 148 -6.43 -18.65 -33.79
CA LYS C 148 -5.81 -19.60 -32.85
C LYS C 148 -4.30 -19.68 -33.07
N ASP C 149 -3.55 -19.69 -31.98
CA ASP C 149 -2.15 -20.19 -31.97
C ASP C 149 -1.27 -19.13 -32.63
N TYR C 150 -1.27 -17.90 -32.10
CA TYR C 150 -0.40 -16.79 -32.56
C TYR C 150 0.38 -16.25 -31.36
N PHE C 151 1.44 -15.53 -31.69
CA PHE C 151 2.31 -14.84 -30.71
C PHE C 151 3.17 -13.82 -31.46
N PRO C 152 3.43 -12.63 -30.88
CA PRO C 152 2.80 -12.21 -29.64
C PRO C 152 1.50 -11.45 -29.88
N GLU C 153 1.00 -10.81 -28.81
CA GLU C 153 -0.14 -9.86 -28.91
C GLU C 153 0.30 -8.67 -29.76
N PRO C 154 -0.65 -7.98 -30.44
CA PRO C 154 -2.06 -8.38 -30.54
C PRO C 154 -2.47 -8.91 -31.93
N VAL C 155 -3.75 -9.25 -32.11
CA VAL C 155 -4.41 -9.39 -33.45
C VAL C 155 -5.60 -8.45 -33.51
N THR C 156 -6.01 -8.02 -34.71
CA THR C 156 -7.29 -7.30 -34.92
C THR C 156 -8.22 -8.15 -35.77
N VAL C 157 -9.51 -8.02 -35.50
CA VAL C 157 -10.62 -8.71 -36.20
C VAL C 157 -11.65 -7.62 -36.45
N SER C 158 -12.04 -7.47 -37.71
CA SER C 158 -13.25 -6.71 -38.12
C SER C 158 -14.08 -7.66 -38.98
N TRP C 159 -15.32 -7.25 -39.26
CA TRP C 159 -16.30 -8.00 -40.08
C TRP C 159 -16.71 -7.20 -41.32
N ASN C 160 -16.71 -7.85 -42.47
CA ASN C 160 -17.14 -7.27 -43.78
C ASN C 160 -16.43 -5.92 -43.97
N SER C 161 -15.15 -5.89 -43.61
CA SER C 161 -14.24 -4.73 -43.84
C SER C 161 -14.77 -3.46 -43.15
N GLY C 162 -15.29 -3.55 -41.91
CA GLY C 162 -15.86 -2.42 -41.15
C GLY C 162 -17.33 -2.11 -41.48
N ALA C 163 -17.98 -2.80 -42.40
CA ALA C 163 -19.41 -2.53 -42.72
C ALA C 163 -20.32 -3.10 -41.65
N LEU C 164 -19.89 -4.16 -40.98
CA LEU C 164 -20.71 -4.90 -39.98
C LEU C 164 -20.08 -4.70 -38.59
N THR C 165 -20.77 -3.93 -37.73
CA THR C 165 -20.41 -3.63 -36.31
C THR C 165 -21.52 -4.09 -35.35
N SER C 166 -22.80 -3.98 -35.74
CA SER C 166 -23.99 -4.41 -34.94
C SER C 166 -23.85 -5.89 -34.56
N GLY C 167 -23.85 -6.17 -33.25
CA GLY C 167 -23.84 -7.52 -32.66
C GLY C 167 -22.48 -8.17 -32.79
N VAL C 168 -21.41 -7.41 -33.05
CA VAL C 168 -20.04 -7.97 -33.01
C VAL C 168 -19.64 -8.08 -31.54
N HIS C 169 -19.02 -9.20 -31.17
CA HIS C 169 -18.33 -9.37 -29.87
C HIS C 169 -16.99 -10.03 -30.15
N THR C 170 -15.91 -9.27 -29.97
CA THR C 170 -14.51 -9.71 -30.15
C THR C 170 -13.93 -9.87 -28.75
N PHE C 171 -13.67 -11.09 -28.30
CA PHE C 171 -13.33 -11.35 -26.88
C PHE C 171 -11.84 -11.09 -26.66
N PRO C 172 -11.42 -10.77 -25.42
CA PRO C 172 -10.00 -10.69 -25.13
C PRO C 172 -9.38 -12.05 -25.47
N ALA C 173 -8.11 -12.01 -25.88
CA ALA C 173 -7.25 -13.18 -26.10
C ALA C 173 -7.06 -13.89 -24.76
N VAL C 174 -6.91 -15.21 -24.82
CA VAL C 174 -6.44 -16.05 -23.68
C VAL C 174 -5.04 -16.54 -24.02
N LEU C 175 -4.16 -16.60 -23.05
CA LEU C 175 -2.87 -17.30 -23.19
C LEU C 175 -3.16 -18.78 -22.95
N GLN C 176 -2.96 -19.63 -23.97
CA GLN C 176 -3.05 -21.11 -23.79
C GLN C 176 -1.83 -21.60 -22.99
N SER C 177 -1.89 -22.85 -22.51
CA SER C 177 -0.81 -23.51 -21.72
C SER C 177 0.39 -23.86 -22.60
N SER C 178 0.28 -23.79 -23.93
CA SER C 178 1.37 -23.95 -24.95
C SER C 178 2.20 -22.65 -25.06
N GLY C 179 1.67 -21.53 -24.57
CA GLY C 179 2.32 -20.20 -24.59
C GLY C 179 1.90 -19.39 -25.81
N LEU C 180 1.10 -19.97 -26.68
CA LEU C 180 0.45 -19.28 -27.83
C LEU C 180 -0.91 -18.75 -27.37
N TYR C 181 -1.29 -17.59 -27.88
CA TYR C 181 -2.59 -16.91 -27.61
C TYR C 181 -3.67 -17.46 -28.57
N SER C 182 -4.90 -17.16 -28.24
CA SER C 182 -6.09 -17.50 -29.05
C SER C 182 -7.22 -16.53 -28.71
N LEU C 183 -8.05 -16.25 -29.69
CA LEU C 183 -9.04 -15.15 -29.65
C LEU C 183 -10.24 -15.58 -30.50
N SER C 184 -11.47 -15.32 -30.05
CA SER C 184 -12.69 -15.57 -30.84
C SER C 184 -13.45 -14.26 -31.07
N SER C 185 -13.87 -14.00 -32.32
CA SER C 185 -14.80 -12.91 -32.71
C SER C 185 -16.10 -13.56 -33.20
N VAL C 186 -17.23 -13.12 -32.67
CA VAL C 186 -18.58 -13.64 -33.06
C VAL C 186 -19.46 -12.46 -33.50
N VAL C 187 -20.48 -12.77 -34.30
CA VAL C 187 -21.58 -11.82 -34.66
C VAL C 187 -22.92 -12.57 -34.68
N THR C 188 -23.99 -11.91 -34.26
CA THR C 188 -25.39 -12.41 -34.42
C THR C 188 -26.02 -11.65 -35.59
N VAL C 189 -26.65 -12.42 -36.47
CA VAL C 189 -27.14 -12.01 -37.80
C VAL C 189 -28.56 -12.57 -37.88
N PRO C 190 -29.48 -11.96 -38.65
CA PRO C 190 -30.75 -12.63 -38.97
C PRO C 190 -30.54 -13.95 -39.73
N SER C 191 -31.35 -14.95 -39.41
CA SER C 191 -31.32 -16.32 -39.95
C SER C 191 -31.54 -16.31 -41.46
N SER C 192 -32.52 -15.56 -41.96
CA SER C 192 -32.96 -15.58 -43.38
C SER C 192 -31.88 -14.96 -44.29
N SER C 193 -30.89 -14.26 -43.70
CA SER C 193 -29.73 -13.66 -44.44
C SER C 193 -28.67 -14.74 -44.75
N LEU C 194 -28.58 -15.80 -43.94
CA LEU C 194 -27.69 -16.97 -44.20
C LEU C 194 -27.91 -17.47 -45.63
N GLY C 195 -26.82 -17.69 -46.39
CA GLY C 195 -26.86 -18.10 -47.81
C GLY C 195 -26.91 -16.94 -48.81
N THR C 196 -27.75 -15.92 -48.54
CA THR C 196 -27.81 -14.61 -49.26
C THR C 196 -26.55 -13.80 -48.99
N GLN C 197 -26.39 -13.31 -47.74
CA GLN C 197 -25.37 -12.33 -47.31
C GLN C 197 -24.06 -13.06 -46.96
N THR C 198 -22.98 -12.68 -47.61
CA THR C 198 -21.57 -13.09 -47.32
C THR C 198 -21.10 -12.52 -45.97
N TYR C 199 -20.47 -13.37 -45.15
CA TYR C 199 -19.83 -12.98 -43.87
C TYR C 199 -18.35 -13.28 -43.91
N ILE C 200 -17.51 -12.24 -43.97
CA ILE C 200 -16.04 -12.37 -43.97
C ILE C 200 -15.46 -11.73 -42.70
N CYS C 201 -14.51 -12.41 -42.06
CA CYS C 201 -13.80 -11.88 -40.88
C CYS C 201 -12.38 -11.54 -41.32
N ASN C 202 -11.99 -10.29 -41.11
CA ASN C 202 -10.69 -9.73 -41.55
C ASN C 202 -9.80 -9.78 -40.34
N VAL C 203 -8.73 -10.57 -40.43
CA VAL C 203 -7.80 -10.88 -39.30
C VAL C 203 -6.43 -10.34 -39.67
N ASN C 204 -5.78 -9.64 -38.74
CA ASN C 204 -4.44 -9.05 -38.94
C ASN C 204 -3.60 -9.35 -37.69
N HIS C 205 -2.49 -10.07 -37.90
CA HIS C 205 -1.39 -10.24 -36.94
C HIS C 205 -0.13 -9.64 -37.60
N LYS C 206 0.14 -8.35 -37.31
CA LYS C 206 1.25 -7.55 -37.88
C LYS C 206 2.60 -8.20 -37.56
N PRO C 207 2.89 -8.70 -36.33
CA PRO C 207 4.22 -9.21 -36.01
C PRO C 207 4.72 -10.33 -36.93
N SER C 208 3.82 -11.12 -37.55
CA SER C 208 4.10 -12.21 -38.53
C SER C 208 3.65 -11.84 -39.96
N ASN C 209 3.16 -10.61 -40.17
CA ASN C 209 2.63 -10.13 -41.49
C ASN C 209 1.62 -11.16 -42.02
N THR C 210 0.68 -11.58 -41.18
CA THR C 210 -0.39 -12.58 -41.51
C THR C 210 -1.71 -11.82 -41.67
N LYS C 211 -2.25 -11.75 -42.86
CA LYS C 211 -3.49 -10.97 -43.13
C LYS C 211 -4.41 -11.91 -43.91
N VAL C 212 -5.61 -12.14 -43.37
CA VAL C 212 -6.58 -13.17 -43.84
C VAL C 212 -8.02 -12.62 -43.82
N ASP C 213 -8.71 -12.75 -44.96
CA ASP C 213 -10.15 -12.53 -45.16
C ASP C 213 -10.80 -13.91 -45.31
N LYS C 214 -11.50 -14.37 -44.29
CA LYS C 214 -12.05 -15.75 -44.18
C LYS C 214 -13.58 -15.73 -44.26
N LYS C 215 -14.16 -16.23 -45.35
CA LYS C 215 -15.63 -16.31 -45.46
C LYS C 215 -16.16 -17.43 -44.55
N VAL C 216 -17.18 -17.14 -43.77
CA VAL C 216 -17.81 -18.10 -42.85
C VAL C 216 -19.14 -18.54 -43.46
N GLU C 217 -19.25 -19.84 -43.76
CA GLU C 217 -20.44 -20.46 -44.41
C GLU C 217 -21.05 -21.50 -43.46
N PRO C 218 -22.38 -21.76 -43.55
CA PRO C 218 -22.97 -22.91 -42.86
C PRO C 218 -22.36 -24.22 -43.39
N LYS C 219 -22.13 -25.19 -42.49
CA LYS C 219 -21.61 -26.56 -42.79
C LYS C 219 -22.81 -27.43 -43.22
N SER D 1 4.12 -4.68 5.80
CA SER D 1 3.49 -3.75 4.80
C SER D 1 2.39 -2.90 5.49
N TYR D 2 1.63 -2.17 4.67
CA TYR D 2 0.36 -1.43 4.97
C TYR D 2 -0.53 -1.65 3.74
N GLU D 3 -1.78 -2.09 3.88
CA GLU D 3 -2.62 -2.53 2.72
C GLU D 3 -3.90 -1.66 2.64
N LEU D 4 -4.53 -1.59 1.46
CA LEU D 4 -5.78 -0.78 1.28
C LEU D 4 -6.88 -1.69 0.73
N THR D 5 -8.08 -1.57 1.31
CA THR D 5 -9.18 -2.55 1.12
C THR D 5 -10.32 -1.84 0.34
N GLN D 6 -10.69 -2.39 -0.83
CA GLN D 6 -11.77 -1.90 -1.72
C GLN D 6 -12.62 -3.09 -2.13
N PRO D 7 -13.95 -2.88 -2.26
CA PRO D 7 -14.88 -3.88 -2.80
C PRO D 7 -14.52 -4.15 -4.27
N PRO D 8 -14.55 -5.42 -4.74
CA PRO D 8 -14.38 -5.71 -6.16
C PRO D 8 -15.19 -4.84 -7.14
N SER D 9 -16.41 -4.46 -6.74
CA SER D 9 -17.53 -4.22 -7.68
C SER D 9 -18.55 -3.28 -7.05
N VAL D 10 -18.98 -2.24 -7.77
CA VAL D 10 -20.19 -1.44 -7.37
C VAL D 10 -21.09 -1.32 -8.59
N SER D 11 -22.40 -1.42 -8.38
CA SER D 11 -23.43 -1.42 -9.45
C SER D 11 -24.37 -0.23 -9.26
N VAL D 12 -24.37 0.71 -10.22
CA VAL D 12 -25.16 1.97 -10.13
C VAL D 12 -26.11 2.04 -11.33
N ALA D 13 -27.36 2.41 -11.06
CA ALA D 13 -28.38 2.74 -12.09
C ALA D 13 -27.91 3.95 -12.89
N PRO D 14 -28.16 4.01 -14.22
CA PRO D 14 -27.82 5.22 -14.99
C PRO D 14 -28.38 6.48 -14.32
N GLY D 15 -27.51 7.49 -14.21
CA GLY D 15 -27.87 8.84 -13.72
C GLY D 15 -27.82 8.93 -12.21
N LYS D 16 -27.54 7.82 -11.50
CA LYS D 16 -27.47 7.75 -10.03
C LYS D 16 -26.01 7.86 -9.56
N THR D 17 -25.80 7.90 -8.25
CA THR D 17 -24.48 8.21 -7.63
C THR D 17 -23.83 6.89 -7.18
N ALA D 18 -22.54 6.73 -7.51
CA ALA D 18 -21.68 5.61 -7.06
C ALA D 18 -20.82 6.06 -5.87
N ARG D 19 -20.72 5.19 -4.85
CA ARG D 19 -19.90 5.42 -3.63
C ARG D 19 -18.88 4.28 -3.50
N ILE D 20 -17.59 4.60 -3.63
CA ILE D 20 -16.47 3.62 -3.58
C ILE D 20 -15.61 3.85 -2.33
N THR D 21 -15.49 2.83 -1.48
CA THR D 21 -14.80 2.87 -0.16
C THR D 21 -13.37 2.33 -0.30
N CYS D 22 -12.44 2.96 0.41
CA CYS D 22 -11.01 2.58 0.53
C CYS D 22 -10.74 2.47 2.02
N GLY D 23 -10.57 1.24 2.52
CA GLY D 23 -10.25 0.94 3.93
C GLY D 23 -8.75 0.85 4.21
N GLY D 24 -8.31 1.49 5.28
CA GLY D 24 -6.92 1.46 5.77
C GLY D 24 -6.83 1.94 7.22
N ASN D 25 -6.03 1.24 8.05
CA ASN D 25 -5.79 1.64 9.46
C ASN D 25 -5.34 3.12 9.51
N ASN D 26 -6.14 3.99 10.11
CA ASN D 26 -5.78 5.43 10.27
C ASN D 26 -5.62 6.05 8.87
N ILE D 27 -6.30 5.55 7.85
CA ILE D 27 -6.23 6.18 6.49
C ILE D 27 -6.64 7.66 6.59
N GLY D 28 -7.42 8.03 7.60
CA GLY D 28 -7.87 9.42 7.86
C GLY D 28 -6.71 10.37 8.01
N SER D 29 -5.57 9.89 8.53
CA SER D 29 -4.34 10.67 8.78
C SER D 29 -3.54 10.90 7.49
N LYS D 30 -3.74 10.09 6.45
CA LYS D 30 -2.96 10.14 5.17
C LYS D 30 -3.74 10.92 4.10
N SER D 31 -3.03 11.43 3.08
CA SER D 31 -3.60 12.03 1.85
C SER D 31 -3.96 10.92 0.84
N VAL D 32 -5.24 10.83 0.49
CA VAL D 32 -5.75 9.73 -0.38
C VAL D 32 -5.88 10.25 -1.80
N HIS D 33 -5.38 9.46 -2.73
CA HIS D 33 -5.45 9.68 -4.20
C HIS D 33 -6.30 8.58 -4.83
N TRP D 34 -7.04 8.99 -5.88
CA TRP D 34 -7.98 8.15 -6.64
C TRP D 34 -7.58 8.22 -8.10
N TYR D 35 -7.53 7.05 -8.73
CA TYR D 35 -7.20 6.89 -10.17
C TYR D 35 -8.38 6.24 -10.88
N GLN D 36 -8.71 6.71 -12.07
CA GLN D 36 -9.63 6.09 -13.03
C GLN D 36 -8.80 5.35 -14.07
N GLN D 37 -9.04 4.05 -14.27
CA GLN D 37 -8.47 3.33 -15.42
C GLN D 37 -9.59 2.80 -16.32
N LYS D 38 -9.81 3.50 -17.42
CA LYS D 38 -10.65 2.99 -18.53
C LYS D 38 -9.90 1.85 -19.20
N PRO D 39 -10.61 0.94 -19.92
CA PRO D 39 -9.96 -0.24 -20.49
C PRO D 39 -8.94 0.16 -21.58
N GLY D 40 -7.84 -0.60 -21.64
CA GLY D 40 -6.67 -0.41 -22.52
C GLY D 40 -5.96 0.93 -22.33
N GLN D 41 -6.17 1.62 -21.20
CA GLN D 41 -5.68 3.00 -20.95
C GLN D 41 -4.83 3.03 -19.67
N ALA D 42 -3.99 4.06 -19.53
CA ALA D 42 -3.20 4.37 -18.31
C ALA D 42 -4.15 4.88 -17.24
N PRO D 43 -3.80 4.67 -15.94
CA PRO D 43 -4.48 5.34 -14.84
C PRO D 43 -4.44 6.87 -14.98
N VAL D 44 -5.52 7.56 -14.53
CA VAL D 44 -5.66 9.04 -14.51
C VAL D 44 -6.08 9.49 -13.11
N LEU D 45 -5.31 10.40 -12.52
CA LEU D 45 -5.64 11.10 -11.27
C LEU D 45 -6.96 11.86 -11.43
N VAL D 46 -7.99 11.46 -10.67
CA VAL D 46 -9.36 12.04 -10.64
C VAL D 46 -9.56 12.87 -9.35
N VAL D 47 -8.94 12.45 -8.24
CA VAL D 47 -9.01 13.14 -6.91
C VAL D 47 -7.66 12.98 -6.22
N TYR D 48 -7.10 14.08 -5.68
CA TYR D 48 -5.87 14.09 -4.88
C TYR D 48 -6.15 14.74 -3.52
N ASP D 49 -5.29 14.44 -2.55
CA ASP D 49 -5.33 15.03 -1.18
C ASP D 49 -6.73 14.92 -0.58
N ASP D 50 -7.35 13.74 -0.71
CA ASP D 50 -8.69 13.37 -0.14
C ASP D 50 -9.83 13.84 -1.05
N SER D 51 -9.76 15.10 -1.55
CA SER D 51 -10.93 15.92 -1.96
C SER D 51 -10.66 16.91 -3.10
N ASP D 52 -9.40 17.19 -3.45
CA ASP D 52 -9.02 18.07 -4.60
C ASP D 52 -9.33 17.37 -5.94
N ARG D 53 -10.17 17.99 -6.80
CA ARG D 53 -10.35 17.55 -8.21
C ARG D 53 -9.36 18.33 -9.07
N PRO D 54 -8.46 17.67 -9.83
CA PRO D 54 -7.48 18.39 -10.64
C PRO D 54 -8.11 19.06 -11.89
N SER D 55 -7.41 20.04 -12.49
CA SER D 55 -7.94 20.87 -13.60
C SER D 55 -8.59 19.95 -14.65
N GLY D 56 -9.89 20.14 -14.92
CA GLY D 56 -10.61 19.51 -16.05
C GLY D 56 -11.24 18.15 -15.73
N ILE D 57 -11.01 17.57 -14.54
CA ILE D 57 -11.79 16.38 -14.06
C ILE D 57 -13.17 16.88 -13.67
N PRO D 58 -14.28 16.31 -14.21
CA PRO D 58 -15.65 16.76 -13.87
C PRO D 58 -16.00 16.94 -12.38
N GLU D 59 -16.90 17.90 -12.07
CA GLU D 59 -17.39 18.20 -10.69
C GLU D 59 -18.16 16.99 -10.11
N ARG D 60 -18.66 16.09 -10.97
CA ARG D 60 -19.30 14.80 -10.64
C ARG D 60 -18.45 13.91 -9.72
N PHE D 61 -17.11 13.99 -9.85
CA PHE D 61 -16.14 13.29 -8.98
C PHE D 61 -15.86 14.17 -7.76
N SER D 62 -15.95 13.58 -6.57
CA SER D 62 -15.63 14.20 -5.27
C SER D 62 -15.15 13.11 -4.30
N GLY D 63 -14.38 13.53 -3.29
CA GLY D 63 -13.67 12.63 -2.36
C GLY D 63 -13.89 13.02 -0.91
N SER D 64 -13.55 12.12 0.00
CA SER D 64 -13.56 12.35 1.46
C SER D 64 -12.80 11.22 2.15
N ASN D 65 -12.33 11.49 3.38
CA ASN D 65 -11.37 10.62 4.13
C ASN D 65 -11.50 10.96 5.62
N SER D 66 -11.85 9.99 6.46
CA SER D 66 -11.61 10.06 7.92
C SER D 66 -11.81 8.69 8.57
N GLY D 67 -11.35 8.57 9.81
CA GLY D 67 -11.15 7.30 10.53
C GLY D 67 -10.43 6.32 9.63
N ASN D 68 -11.05 5.16 9.38
CA ASN D 68 -10.44 4.02 8.67
C ASN D 68 -11.09 3.90 7.28
N THR D 69 -11.72 4.96 6.76
CA THR D 69 -12.44 4.92 5.44
C THR D 69 -12.29 6.23 4.65
N ALA D 70 -11.74 6.12 3.43
CA ALA D 70 -11.89 7.11 2.34
C ALA D 70 -12.99 6.65 1.38
N THR D 71 -13.70 7.60 0.77
CA THR D 71 -14.83 7.36 -0.17
C THR D 71 -14.65 8.21 -1.43
N LEU D 72 -14.79 7.60 -2.60
CA LEU D 72 -14.94 8.34 -3.87
C LEU D 72 -16.42 8.39 -4.21
N THR D 73 -16.96 9.60 -4.41
CA THR D 73 -18.37 9.81 -4.82
C THR D 73 -18.37 10.18 -6.30
N ILE D 74 -19.08 9.38 -7.12
CA ILE D 74 -19.37 9.66 -8.56
C ILE D 74 -20.85 10.00 -8.71
N SER D 75 -21.18 11.30 -8.77
CA SER D 75 -22.53 11.83 -9.10
C SER D 75 -22.85 11.47 -10.55
N ARG D 76 -24.14 11.22 -10.85
CA ARG D 76 -24.76 11.20 -12.22
C ARG D 76 -23.96 10.26 -13.13
N VAL D 77 -24.04 8.96 -12.83
CA VAL D 77 -23.23 7.86 -13.46
C VAL D 77 -23.76 7.60 -14.88
N GLU D 78 -22.85 7.66 -15.86
CA GLU D 78 -23.08 7.36 -17.29
C GLU D 78 -22.38 6.04 -17.62
N ALA D 79 -22.61 5.50 -18.83
CA ALA D 79 -21.78 4.47 -19.49
C ALA D 79 -20.28 4.84 -19.49
N GLY D 80 -19.91 6.11 -19.71
CA GLY D 80 -18.52 6.59 -19.78
C GLY D 80 -17.78 6.61 -18.44
N ASP D 81 -18.42 6.27 -17.32
CA ASP D 81 -17.72 6.13 -16.02
C ASP D 81 -17.45 4.65 -15.74
N GLU D 82 -17.76 3.74 -16.68
CA GLU D 82 -17.48 2.28 -16.54
C GLU D 82 -15.96 2.05 -16.60
N ALA D 83 -15.38 1.61 -15.47
CA ALA D 83 -13.93 1.68 -15.22
C ALA D 83 -13.56 1.09 -13.85
N ASP D 84 -12.27 0.87 -13.67
CA ASP D 84 -11.63 0.47 -12.41
C ASP D 84 -11.21 1.76 -11.71
N TYR D 85 -11.50 1.87 -10.41
CA TYR D 85 -11.03 2.98 -9.55
C TYR D 85 -10.11 2.40 -8.49
N TYR D 86 -8.91 2.99 -8.40
CA TYR D 86 -7.84 2.66 -7.43
C TYR D 86 -7.67 3.81 -6.46
N CYS D 87 -7.72 3.51 -5.15
CA CYS D 87 -7.21 4.43 -4.12
C CYS D 87 -5.73 4.11 -3.88
N GLN D 88 -5.00 5.06 -3.33
CA GLN D 88 -3.53 5.01 -3.20
C GLN D 88 -3.13 5.95 -2.07
N VAL D 89 -2.17 5.52 -1.25
CA VAL D 89 -1.56 6.36 -0.20
C VAL D 89 -0.04 6.19 -0.27
N TRP D 90 0.65 7.21 0.22
CA TRP D 90 2.10 7.19 0.55
C TRP D 90 2.20 6.89 2.04
N ASP D 91 2.87 5.80 2.41
CA ASP D 91 3.10 5.40 3.81
C ASP D 91 4.55 5.72 4.16
N THR D 92 4.79 6.40 5.28
CA THR D 92 6.14 6.71 5.81
C THR D 92 7.02 5.46 5.69
N TYR D 93 6.52 4.33 6.21
CA TYR D 93 7.30 3.09 6.45
C TYR D 93 7.33 2.23 5.18
N SER D 94 6.24 2.11 4.41
CA SER D 94 6.12 1.18 3.26
C SER D 94 5.85 1.90 1.92
N ASP D 95 5.92 3.23 1.88
CA ASP D 95 5.97 4.05 0.63
C ASP D 95 4.62 4.00 -0.10
N TYR D 96 4.63 3.86 -1.43
CA TYR D 96 3.43 3.95 -2.30
C TYR D 96 2.68 2.62 -2.28
N VAL D 97 1.40 2.69 -1.89
CA VAL D 97 0.47 1.54 -1.67
C VAL D 97 -0.85 1.82 -2.40
N PHE D 98 -1.29 0.92 -3.28
CA PHE D 98 -2.59 1.00 -3.99
C PHE D 98 -3.60 -0.02 -3.42
N GLY D 99 -4.86 0.39 -3.27
CA GLY D 99 -5.99 -0.54 -3.13
C GLY D 99 -6.06 -1.53 -4.27
N THR D 100 -6.92 -2.55 -4.14
CA THR D 100 -7.09 -3.70 -5.08
C THR D 100 -8.03 -3.32 -6.22
N GLY D 101 -8.68 -2.16 -6.14
CA GLY D 101 -9.45 -1.60 -7.26
C GLY D 101 -10.92 -1.97 -7.20
N THR D 102 -11.77 -1.02 -7.63
CA THR D 102 -13.22 -1.21 -7.66
C THR D 102 -13.71 -1.04 -9.09
N LYS D 103 -14.42 -2.03 -9.58
CA LYS D 103 -15.09 -2.00 -10.90
C LYS D 103 -16.43 -1.28 -10.75
N VAL D 104 -16.66 -0.18 -11.49
CA VAL D 104 -18.01 0.43 -11.56
C VAL D 104 -18.78 -0.23 -12.70
N THR D 105 -19.89 -0.88 -12.34
CA THR D 105 -20.89 -1.54 -13.21
C THR D 105 -22.16 -0.65 -13.28
N VAL D 106 -22.60 -0.33 -14.50
CA VAL D 106 -23.98 0.21 -14.75
C VAL D 106 -24.99 -0.93 -14.56
N LEU D 107 -26.00 -0.68 -13.73
CA LEU D 107 -27.09 -1.64 -13.45
C LEU D 107 -28.14 -1.57 -14.55
N ARG D 108 -28.68 -2.73 -14.91
CA ARG D 108 -29.82 -2.87 -15.84
C ARG D 108 -30.61 -4.07 -15.32
N THR D 109 -31.68 -4.44 -16.01
CA THR D 109 -32.48 -5.62 -15.63
C THR D 109 -31.74 -6.91 -16.01
N VAL D 110 -32.07 -7.99 -15.32
CA VAL D 110 -31.56 -9.36 -15.58
C VAL D 110 -31.85 -9.71 -17.05
N ALA D 111 -30.84 -10.28 -17.72
CA ALA D 111 -30.96 -10.80 -19.10
C ALA D 111 -30.27 -12.17 -19.18
N ALA D 112 -31.05 -13.18 -19.54
CA ALA D 112 -30.59 -14.57 -19.77
C ALA D 112 -29.65 -14.59 -20.97
N PRO D 113 -28.54 -15.35 -20.95
CA PRO D 113 -27.72 -15.53 -22.14
C PRO D 113 -28.46 -16.35 -23.20
N SER D 114 -28.32 -16.00 -24.48
CA SER D 114 -28.51 -16.93 -25.60
C SER D 114 -27.24 -17.76 -25.68
N VAL D 115 -27.36 -19.08 -25.75
CA VAL D 115 -26.23 -20.05 -25.75
C VAL D 115 -26.18 -20.71 -27.14
N PHE D 116 -24.98 -20.87 -27.66
CA PHE D 116 -24.69 -21.49 -28.97
C PHE D 116 -23.42 -22.32 -28.75
N ILE D 117 -23.35 -23.49 -29.38
CA ILE D 117 -22.18 -24.39 -29.36
C ILE D 117 -21.70 -24.53 -30.81
N PHE D 118 -20.39 -24.67 -31.01
CA PHE D 118 -19.75 -24.81 -32.33
C PHE D 118 -18.76 -25.96 -32.25
N PRO D 119 -19.00 -27.03 -33.02
CA PRO D 119 -18.05 -28.13 -33.12
C PRO D 119 -16.72 -27.63 -33.65
N PRO D 120 -15.62 -28.38 -33.45
CA PRO D 120 -14.39 -28.06 -34.15
C PRO D 120 -14.75 -28.05 -35.64
N SER D 121 -14.24 -27.06 -36.36
CA SER D 121 -14.34 -26.96 -37.84
C SER D 121 -13.56 -28.12 -38.45
N ASP D 122 -13.89 -28.50 -39.69
CA ASP D 122 -13.15 -29.55 -40.46
C ASP D 122 -11.73 -29.08 -40.78
N GLU D 123 -11.49 -27.79 -41.00
CA GLU D 123 -10.13 -27.27 -41.31
C GLU D 123 -9.22 -27.54 -40.12
N GLN D 124 -9.74 -27.31 -38.91
CA GLN D 124 -8.94 -27.43 -37.66
C GLN D 124 -8.65 -28.92 -37.46
N LEU D 125 -9.67 -29.75 -37.61
CA LEU D 125 -9.49 -31.23 -37.50
C LEU D 125 -8.39 -31.64 -38.48
N LYS D 126 -8.43 -31.22 -39.75
CA LYS D 126 -7.39 -31.60 -40.75
C LYS D 126 -6.03 -31.05 -40.29
N SER D 127 -6.00 -29.87 -39.64
CA SER D 127 -4.85 -29.27 -38.90
C SER D 127 -4.27 -30.23 -37.84
N GLY D 128 -5.09 -31.09 -37.25
CA GLY D 128 -4.69 -32.13 -36.28
C GLY D 128 -4.93 -31.74 -34.84
N THR D 129 -5.78 -30.71 -34.60
CA THR D 129 -6.19 -30.18 -33.25
C THR D 129 -7.73 -30.01 -33.19
N ALA D 130 -8.30 -29.72 -32.02
CA ALA D 130 -9.76 -29.71 -31.79
C ALA D 130 -10.18 -28.71 -30.72
N SER D 131 -11.02 -27.75 -31.08
CA SER D 131 -11.56 -26.72 -30.18
C SER D 131 -13.10 -26.69 -30.26
N VAL D 132 -13.79 -26.86 -29.14
CA VAL D 132 -15.27 -26.73 -29.05
C VAL D 132 -15.57 -25.39 -28.36
N VAL D 133 -16.41 -24.56 -28.98
CA VAL D 133 -16.68 -23.18 -28.47
C VAL D 133 -18.12 -23.15 -27.98
N CYS D 134 -18.37 -22.59 -26.79
N CYS D 134 -18.34 -22.51 -26.83
CA CYS D 134 -19.73 -22.27 -26.32
CA CYS D 134 -19.67 -22.26 -26.19
C CYS D 134 -19.81 -20.76 -26.11
C CYS D 134 -19.83 -20.75 -26.02
N LEU D 135 -20.88 -20.16 -26.61
CA LEU D 135 -21.08 -18.69 -26.60
C LEU D 135 -22.31 -18.42 -25.72
N LEU D 136 -22.11 -17.59 -24.69
CA LEU D 136 -23.20 -17.02 -23.86
C LEU D 136 -23.30 -15.56 -24.28
N ASN D 137 -24.40 -15.14 -24.87
CA ASN D 137 -24.46 -13.82 -25.55
C ASN D 137 -25.45 -12.89 -24.84
N ASN D 138 -25.00 -11.67 -24.49
CA ASN D 138 -25.86 -10.51 -24.14
C ASN D 138 -26.64 -10.82 -22.85
N PHE D 139 -25.91 -11.14 -21.79
CA PHE D 139 -26.49 -11.50 -20.48
C PHE D 139 -26.12 -10.42 -19.46
N TYR D 140 -26.84 -10.42 -18.33
CA TYR D 140 -26.63 -9.50 -17.18
C TYR D 140 -27.34 -10.12 -15.98
N PRO D 141 -26.73 -10.18 -14.78
CA PRO D 141 -25.38 -9.69 -14.55
C PRO D 141 -24.31 -10.68 -15.00
N ARG D 142 -23.07 -10.37 -14.62
CA ARG D 142 -21.79 -10.94 -15.10
C ARG D 142 -21.58 -12.40 -14.63
N GLU D 143 -22.10 -12.75 -13.47
N GLU D 143 -22.07 -12.74 -13.44
CA GLU D 143 -21.86 -14.06 -12.82
CA GLU D 143 -21.91 -14.08 -12.81
C GLU D 143 -22.56 -15.15 -13.65
C GLU D 143 -22.57 -15.13 -13.72
N ALA D 144 -21.76 -16.04 -14.25
CA ALA D 144 -22.20 -17.16 -15.13
C ALA D 144 -21.28 -18.36 -14.91
N LYS D 145 -21.85 -19.57 -14.93
CA LYS D 145 -21.11 -20.85 -14.80
C LYS D 145 -21.31 -21.64 -16.08
N VAL D 146 -20.22 -22.12 -16.66
CA VAL D 146 -20.22 -23.03 -17.82
C VAL D 146 -19.57 -24.35 -17.40
N GLN D 147 -20.31 -25.45 -17.55
CA GLN D 147 -19.85 -26.84 -17.30
C GLN D 147 -19.82 -27.59 -18.64
N TRP D 148 -18.66 -28.14 -18.98
CA TRP D 148 -18.42 -28.94 -20.19
C TRP D 148 -18.64 -30.42 -19.87
N LYS D 149 -19.35 -31.11 -20.76
CA LYS D 149 -19.63 -32.56 -20.66
C LYS D 149 -19.41 -33.24 -22.02
N VAL D 150 -18.64 -34.32 -22.00
CA VAL D 150 -18.22 -35.16 -23.15
C VAL D 150 -18.63 -36.60 -22.81
N ASP D 151 -19.59 -37.16 -23.55
CA ASP D 151 -20.38 -38.35 -23.13
C ASP D 151 -20.66 -38.32 -21.60
N ASN D 152 -21.20 -37.20 -21.11
CA ASN D 152 -21.66 -37.08 -19.70
C ASN D 152 -20.45 -37.17 -18.75
N ALA D 153 -19.20 -37.13 -19.24
CA ALA D 153 -18.00 -36.97 -18.40
C ALA D 153 -17.81 -35.47 -18.16
N LEU D 154 -17.72 -35.06 -16.91
CA LEU D 154 -17.57 -33.63 -16.54
C LEU D 154 -16.11 -33.23 -16.75
N GLN D 155 -15.87 -32.21 -17.58
CA GLN D 155 -14.52 -31.72 -17.99
C GLN D 155 -14.07 -30.68 -16.98
N SER D 156 -12.89 -30.87 -16.39
CA SER D 156 -12.37 -30.02 -15.30
C SER D 156 -10.89 -29.70 -15.59
N GLY D 157 -10.59 -28.46 -15.97
CA GLY D 157 -9.20 -27.94 -16.18
C GLY D 157 -8.82 -27.75 -17.63
N ASN D 158 -9.62 -28.20 -18.61
CA ASN D 158 -9.22 -28.21 -20.05
C ASN D 158 -10.07 -27.20 -20.82
N SER D 159 -10.49 -26.14 -20.14
CA SER D 159 -11.24 -25.02 -20.76
C SER D 159 -10.68 -23.70 -20.25
N GLN D 160 -10.91 -22.67 -21.07
CA GLN D 160 -10.56 -21.26 -20.79
C GLN D 160 -11.73 -20.44 -21.35
N GLU D 161 -12.09 -19.36 -20.67
CA GLU D 161 -13.15 -18.43 -21.11
C GLU D 161 -12.66 -16.99 -21.03
N SER D 162 -13.25 -16.10 -21.81
CA SER D 162 -13.11 -14.64 -21.60
C SER D 162 -14.46 -13.97 -21.85
N VAL D 163 -14.60 -12.77 -21.31
CA VAL D 163 -15.86 -12.00 -21.13
C VAL D 163 -15.60 -10.63 -21.68
N THR D 164 -16.52 -10.04 -22.44
CA THR D 164 -16.34 -8.66 -22.94
C THR D 164 -16.61 -7.76 -21.76
N GLU D 165 -16.33 -6.47 -21.91
CA GLU D 165 -16.77 -5.38 -21.02
C GLU D 165 -18.26 -5.18 -21.31
N GLN D 166 -18.98 -4.54 -20.39
CA GLN D 166 -20.40 -4.12 -20.57
C GLN D 166 -20.54 -3.39 -21.91
N ASP D 167 -21.53 -3.77 -22.70
CA ASP D 167 -21.88 -3.07 -23.95
C ASP D 167 -22.24 -1.63 -23.62
N SER D 168 -21.71 -0.66 -24.37
CA SER D 168 -21.96 0.80 -24.14
C SER D 168 -23.42 1.19 -24.46
N LYS D 169 -24.14 0.35 -25.22
CA LYS D 169 -25.54 0.57 -25.70
C LYS D 169 -26.51 -0.21 -24.80
N ASP D 170 -26.29 -1.50 -24.52
CA ASP D 170 -27.30 -2.33 -23.78
C ASP D 170 -26.78 -2.86 -22.43
N SER D 171 -25.58 -2.51 -21.97
CA SER D 171 -25.07 -2.84 -20.61
C SER D 171 -24.96 -4.36 -20.37
N THR D 172 -24.89 -5.19 -21.41
CA THR D 172 -24.83 -6.65 -21.26
C THR D 172 -23.38 -7.08 -21.45
N TYR D 173 -23.10 -8.29 -20.99
CA TYR D 173 -21.83 -9.04 -21.17
C TYR D 173 -22.09 -10.16 -22.17
N SER D 174 -21.04 -10.63 -22.82
CA SER D 174 -21.02 -11.89 -23.60
C SER D 174 -19.79 -12.67 -23.16
N LEU D 175 -19.84 -14.00 -23.23
CA LEU D 175 -18.74 -14.90 -22.76
C LEU D 175 -18.55 -16.04 -23.77
N SER D 176 -17.29 -16.32 -24.07
CA SER D 176 -16.80 -17.42 -24.93
C SER D 176 -16.07 -18.43 -24.05
N SER D 177 -16.46 -19.70 -24.05
CA SER D 177 -15.72 -20.78 -23.36
C SER D 177 -15.15 -21.72 -24.42
N THR D 178 -13.86 -22.05 -24.37
CA THR D 178 -13.24 -22.96 -25.36
C THR D 178 -12.77 -24.22 -24.65
N LEU D 179 -13.19 -25.38 -25.14
CA LEU D 179 -12.75 -26.74 -24.70
C LEU D 179 -11.68 -27.23 -25.69
N THR D 180 -10.48 -27.51 -25.19
CA THR D 180 -9.32 -28.06 -25.93
C THR D 180 -9.26 -29.59 -25.72
N LEU D 181 -9.37 -30.36 -26.79
CA LEU D 181 -9.02 -31.82 -26.83
C LEU D 181 -8.01 -32.04 -27.95
N SER D 182 -7.14 -33.05 -27.84
CA SER D 182 -6.44 -33.61 -29.02
C SER D 182 -7.49 -34.04 -30.07
N LYS D 183 -7.12 -34.20 -31.34
CA LYS D 183 -7.99 -34.74 -32.40
C LYS D 183 -8.39 -36.17 -32.00
N ALA D 184 -7.43 -37.00 -31.61
CA ALA D 184 -7.68 -38.42 -31.20
C ALA D 184 -8.79 -38.46 -30.15
N ASP D 185 -8.70 -37.70 -29.07
CA ASP D 185 -9.71 -37.77 -27.98
C ASP D 185 -11.08 -37.29 -28.51
N TYR D 186 -11.13 -36.23 -29.34
CA TYR D 186 -12.38 -35.72 -29.93
C TYR D 186 -13.13 -36.89 -30.61
N GLU D 187 -12.40 -37.74 -31.36
CA GLU D 187 -12.96 -38.84 -32.18
C GLU D 187 -13.36 -40.04 -31.31
N LYS D 188 -12.97 -40.10 -30.03
CA LYS D 188 -13.31 -41.23 -29.12
C LYS D 188 -14.69 -41.04 -28.49
N HIS D 189 -15.37 -39.90 -28.71
CA HIS D 189 -16.63 -39.57 -28.00
C HIS D 189 -17.61 -38.91 -28.95
N LYS D 190 -18.90 -38.94 -28.59
CA LYS D 190 -20.01 -38.48 -29.46
C LYS D 190 -20.66 -37.21 -28.90
N VAL D 191 -21.20 -37.25 -27.67
CA VAL D 191 -22.11 -36.17 -27.17
C VAL D 191 -21.28 -35.05 -26.51
N TYR D 192 -21.25 -33.86 -27.12
CA TYR D 192 -20.55 -32.64 -26.64
C TYR D 192 -21.56 -31.62 -26.14
N ALA D 193 -21.41 -31.20 -24.90
CA ALA D 193 -22.49 -30.49 -24.17
C ALA D 193 -21.89 -29.39 -23.30
N CYS D 194 -22.48 -28.21 -23.44
N CYS D 194 -22.32 -28.14 -23.50
CA CYS D 194 -22.16 -26.96 -22.69
CA CYS D 194 -22.03 -27.05 -22.53
C CYS D 194 -23.38 -26.59 -21.83
C CYS D 194 -23.31 -26.63 -21.82
N GLU D 195 -23.25 -26.58 -20.50
CA GLU D 195 -24.40 -26.35 -19.59
C GLU D 195 -24.23 -25.01 -18.89
N VAL D 196 -25.21 -24.14 -19.00
CA VAL D 196 -25.07 -22.72 -18.60
C VAL D 196 -25.98 -22.43 -17.40
N THR D 197 -25.39 -21.99 -16.29
CA THR D 197 -26.08 -21.53 -15.05
C THR D 197 -25.97 -20.00 -15.01
N HIS D 198 -27.10 -19.32 -14.81
CA HIS D 198 -27.20 -17.84 -14.76
C HIS D 198 -28.53 -17.47 -14.10
N GLN D 199 -28.53 -16.36 -13.36
CA GLN D 199 -29.67 -15.83 -12.54
C GLN D 199 -30.96 -15.68 -13.38
N GLY D 200 -30.89 -15.36 -14.68
CA GLY D 200 -32.08 -15.11 -15.52
C GLY D 200 -32.61 -16.37 -16.20
N LEU D 201 -32.02 -17.55 -15.91
CA LEU D 201 -32.52 -18.91 -16.32
C LEU D 201 -33.10 -19.63 -15.08
N SER D 202 -34.39 -19.97 -15.11
CA SER D 202 -35.08 -20.61 -13.95
C SER D 202 -34.38 -21.95 -13.61
N SER D 203 -33.77 -22.58 -14.61
CA SER D 203 -32.88 -23.76 -14.44
C SER D 203 -31.83 -23.82 -15.54
N PRO D 204 -30.69 -24.53 -15.32
CA PRO D 204 -29.57 -24.47 -16.26
C PRO D 204 -30.03 -24.90 -17.66
N VAL D 205 -29.41 -24.31 -18.69
CA VAL D 205 -29.65 -24.57 -20.13
C VAL D 205 -28.41 -25.28 -20.67
N THR D 206 -28.61 -26.35 -21.44
CA THR D 206 -27.56 -27.15 -22.11
C THR D 206 -27.72 -27.03 -23.63
N LYS D 207 -26.60 -26.84 -24.33
CA LYS D 207 -26.53 -26.93 -25.82
C LYS D 207 -25.52 -28.02 -26.14
N SER D 208 -25.89 -28.90 -27.07
CA SER D 208 -25.18 -30.16 -27.42
C SER D 208 -25.18 -30.41 -28.91
N PHE D 209 -24.16 -31.13 -29.37
CA PHE D 209 -24.14 -31.77 -30.71
C PHE D 209 -23.65 -33.21 -30.51
N ASN D 210 -23.95 -34.03 -31.50
CA ASN D 210 -23.39 -35.39 -31.65
C ASN D 210 -22.27 -35.26 -32.68
N ARG D 211 -21.05 -35.68 -32.36
CA ARG D 211 -19.90 -35.54 -33.30
C ARG D 211 -20.27 -36.09 -34.68
N GLY D 212 -20.17 -35.23 -35.70
CA GLY D 212 -20.31 -35.56 -37.14
C GLY D 212 -21.70 -36.05 -37.51
N GLU D 213 -22.74 -35.25 -37.21
CA GLU D 213 -24.16 -35.45 -37.64
C GLU D 213 -24.65 -34.17 -38.38
CL CL E . 7.74 24.07 31.82
CL CL F . 35.00 5.42 17.21
#